data_6UV0
#
_entry.id   6UV0
#
_cell.length_a   67.649
_cell.length_b   97.811
_cell.length_c   154.924
_cell.angle_alpha   90.000
_cell.angle_beta   90.000
_cell.angle_gamma   90.000
#
_symmetry.space_group_name_H-M   'P 21 21 21'
#
loop_
_entity.id
_entity.type
_entity.pdbx_description
1 polymer 'Probable ATP-dependent RNA helicase DDX17'
2 non-polymer 'MAGNESIUM ION'
3 water water
#
_entity_poly.entity_id   1
_entity_poly.type   'polypeptide(L)'
_entity_poly.pdbx_seq_one_letter_code
;SGGNPGERLRKKKWDLSELPKFEKNFYVEHPEVARLTPYEVDELRRKKEITVRGGDVCPKPVFAFHHANFPQYVMDVLMD
QHFTEPTPIQCQGFPLALSGRDMVGIAQTGSGKTLAYLLPAIVHINHQPYLERGDGPICLVLAPTRELAQQVQQVADDYG
KCSRLKSTCIYGGAPKGPQIRDLERGVEICIATPGRLIDFLESGKTNLRRCTYLVLDEADRMLDMGFEPQIRKIVDQIRP
DRQTLMWSATWPKEVRQLAEDFLRDYTQINVGNLELSANHNILQIVDVCMESEKDHKLIQLMEEIMAEKENKTIIFVETK
RRCDDLTRRMRRDGWPAMCIHGDKSQPERDWVLNEFRSGKAPILIATDVASRGLDVEDVKFVINYDYPNSSEDYVHRIGR
TARSTNKGTAYTFFTPGNLKQARELIKVLEEANQAINPKLMQLVDHRG
;
_entity_poly.pdbx_strand_id   A,B
#
# COMPACT_ATOMS: atom_id res chain seq x y z
N LYS A 11 8.19 33.14 -29.04
CA LYS A 11 6.91 33.69 -29.48
C LYS A 11 5.92 33.79 -28.33
N LYS A 12 5.49 35.02 -28.01
CA LYS A 12 4.50 35.20 -26.96
C LYS A 12 3.10 34.80 -27.43
N LYS A 13 2.81 34.99 -28.71
CA LYS A 13 1.58 34.46 -29.31
C LYS A 13 1.95 33.66 -30.54
N TRP A 14 1.18 32.60 -30.79
CA TRP A 14 1.54 31.61 -31.79
C TRP A 14 0.44 31.43 -32.83
N ASP A 15 0.85 31.12 -34.05
CA ASP A 15 -0.01 30.54 -35.07
C ASP A 15 0.61 29.19 -35.42
N LEU A 16 0.03 28.12 -34.88
CA LEU A 16 0.64 26.80 -34.99
C LEU A 16 0.64 26.25 -36.41
N SER A 17 -0.16 26.84 -37.32
CA SER A 17 -0.19 26.38 -38.69
C SER A 17 1.08 26.75 -39.46
N GLU A 18 1.93 27.60 -38.91
CA GLU A 18 3.21 27.92 -39.52
C GLU A 18 4.35 27.08 -38.99
N LEU A 19 4.16 26.43 -37.84
CA LEU A 19 5.18 25.58 -37.24
C LEU A 19 5.20 24.21 -37.90
N PRO A 20 6.31 23.49 -37.81
CA PRO A 20 6.35 22.13 -38.37
C PRO A 20 5.38 21.20 -37.65
N LYS A 21 4.69 20.37 -38.42
CA LYS A 21 3.79 19.39 -37.85
C LYS A 21 4.56 18.29 -37.16
N PHE A 22 3.89 17.64 -36.21
CA PHE A 22 4.49 16.51 -35.49
C PHE A 22 3.38 15.69 -34.86
N GLU A 23 3.72 14.46 -34.48
CA GLU A 23 2.78 13.53 -33.88
C GLU A 23 3.14 13.31 -32.41
N LYS A 24 2.16 12.83 -31.65
CA LYS A 24 2.32 12.60 -30.23
C LYS A 24 1.80 11.23 -29.82
N ASN A 25 0.75 10.76 -30.49
CA ASN A 25 0.08 9.51 -30.14
C ASN A 25 0.72 8.36 -30.92
N PHE A 26 1.54 7.57 -30.24
CA PHE A 26 2.15 6.38 -30.83
C PHE A 26 1.78 5.11 -30.08
N TYR A 27 0.84 5.19 -29.14
CA TYR A 27 0.54 4.06 -28.26
C TYR A 27 -0.29 3.02 -28.99
N VAL A 28 0.21 1.80 -29.05
CA VAL A 28 -0.54 0.65 -29.57
C VAL A 28 -0.82 -0.27 -28.40
N GLU A 29 -2.08 -0.27 -27.95
CA GLU A 29 -2.43 -1.04 -26.76
C GLU A 29 -2.28 -2.53 -27.01
N HIS A 30 -1.69 -3.22 -26.03
CA HIS A 30 -1.46 -4.65 -26.10
C HIS A 30 -2.76 -5.42 -25.88
N PRO A 31 -2.98 -6.49 -26.63
CA PRO A 31 -4.24 -7.25 -26.45
C PRO A 31 -4.42 -7.82 -25.06
N GLU A 32 -3.34 -8.12 -24.35
CA GLU A 32 -3.46 -8.58 -22.97
C GLU A 32 -4.03 -7.49 -22.08
N VAL A 33 -3.77 -6.23 -22.41
CA VAL A 33 -4.35 -5.11 -21.67
C VAL A 33 -5.74 -4.74 -22.20
N ALA A 34 -5.98 -4.94 -23.50
CA ALA A 34 -7.27 -4.57 -24.08
C ALA A 34 -8.40 -5.43 -23.54
N ARG A 35 -8.15 -6.71 -23.30
CA ARG A 35 -9.19 -7.63 -22.86
C ARG A 35 -9.63 -7.42 -21.42
N LEU A 36 -9.04 -6.46 -20.70
CA LEU A 36 -9.41 -6.24 -19.32
C LEU A 36 -10.78 -5.59 -19.22
N THR A 37 -11.65 -6.17 -18.39
CA THR A 37 -12.97 -5.62 -18.14
C THR A 37 -12.83 -4.36 -17.27
N PRO A 38 -13.89 -3.55 -17.17
CA PRO A 38 -13.81 -2.38 -16.27
C PRO A 38 -13.53 -2.76 -14.83
N TYR A 39 -14.16 -3.83 -14.34
CA TYR A 39 -13.91 -4.27 -12.97
C TYR A 39 -12.46 -4.70 -12.78
N GLU A 40 -11.91 -5.42 -13.76
CA GLU A 40 -10.52 -5.86 -13.66
C GLU A 40 -9.57 -4.66 -13.70
N VAL A 41 -9.88 -3.65 -14.51
CA VAL A 41 -9.06 -2.44 -14.54
C VAL A 41 -9.12 -1.73 -13.19
N ASP A 42 -10.31 -1.66 -12.60
CA ASP A 42 -10.44 -1.01 -11.30
C ASP A 42 -9.68 -1.76 -10.21
N GLU A 43 -9.77 -3.10 -10.22
CA GLU A 43 -9.01 -3.89 -9.26
C GLU A 43 -7.51 -3.73 -9.46
N LEU A 44 -7.07 -3.67 -10.72
CA LEU A 44 -5.66 -3.46 -11.00
C LEU A 44 -5.19 -2.11 -10.50
N ARG A 45 -6.01 -1.07 -10.66
CA ARG A 45 -5.63 0.24 -10.15
C ARG A 45 -5.64 0.27 -8.63
N ARG A 46 -6.58 -0.44 -8.00
CA ARG A 46 -6.66 -0.43 -6.54
C ARG A 46 -5.48 -1.16 -5.92
N LYS A 47 -5.13 -2.35 -6.44
CA LYS A 47 -4.03 -3.11 -5.87
C LYS A 47 -2.69 -2.42 -6.09
N LYS A 48 -2.61 -1.45 -7.00
CA LYS A 48 -1.41 -0.65 -7.20
C LYS A 48 -1.55 0.76 -6.65
N GLU A 49 -2.66 1.06 -5.97
CA GLU A 49 -2.89 2.37 -5.35
C GLU A 49 -2.84 3.49 -6.39
N ILE A 50 -3.46 3.26 -7.55
CA ILE A 50 -3.50 4.23 -8.64
C ILE A 50 -4.87 4.87 -8.66
N THR A 51 -4.90 6.20 -8.65
CA THR A 51 -6.15 6.96 -8.69
C THR A 51 -6.12 7.92 -9.89
N VAL A 52 -7.24 7.99 -10.61
CA VAL A 52 -7.40 8.91 -11.72
C VAL A 52 -8.48 9.91 -11.34
N ARG A 53 -8.18 11.20 -11.51
CA ARG A 53 -9.11 12.25 -11.10
C ARG A 53 -10.36 12.25 -11.98
N GLY A 54 -11.50 12.53 -11.35
CA GLY A 54 -12.75 12.63 -12.09
C GLY A 54 -13.14 11.32 -12.73
N GLY A 55 -13.57 11.38 -13.98
CA GLY A 55 -13.69 12.65 -14.69
C GLY A 55 -12.78 12.80 -15.89
N ASP A 56 -11.56 12.27 -15.78
CA ASP A 56 -10.56 12.42 -16.83
C ASP A 56 -10.57 11.22 -17.77
N VAL A 57 -10.15 11.46 -19.00
CA VAL A 57 -10.01 10.40 -20.00
C VAL A 57 -8.62 9.81 -19.86
N CYS A 58 -8.54 8.55 -19.42
CA CYS A 58 -7.26 7.90 -19.21
C CYS A 58 -7.33 6.46 -19.70
N PRO A 59 -6.33 6.01 -20.47
CA PRO A 59 -6.35 4.62 -20.96
C PRO A 59 -6.08 3.64 -19.83
N LYS A 60 -6.31 2.36 -20.14
CA LYS A 60 -6.10 1.31 -19.16
C LYS A 60 -4.62 1.23 -18.79
N PRO A 61 -4.31 0.91 -17.54
CA PRO A 61 -2.91 0.75 -17.15
C PRO A 61 -2.33 -0.52 -17.73
N VAL A 62 -1.02 -0.49 -17.98
CA VAL A 62 -0.31 -1.71 -18.36
C VAL A 62 0.11 -2.42 -17.08
N PHE A 63 0.57 -3.66 -17.19
CA PHE A 63 1.13 -4.35 -16.04
C PHE A 63 2.34 -5.20 -16.42
N ALA A 64 2.90 -5.00 -17.61
CA ALA A 64 4.16 -5.59 -18.00
C ALA A 64 4.83 -4.66 -18.99
N PHE A 65 6.16 -4.70 -19.04
CA PHE A 65 6.89 -3.77 -19.90
C PHE A 65 6.59 -4.01 -21.38
N HIS A 66 6.44 -5.28 -21.78
CA HIS A 66 6.13 -5.58 -23.17
C HIS A 66 4.74 -5.10 -23.57
N HIS A 67 3.89 -4.73 -22.61
CA HIS A 67 2.62 -4.10 -22.97
C HIS A 67 2.83 -2.73 -23.60
N ALA A 68 3.93 -2.07 -23.27
CA ALA A 68 4.19 -0.74 -23.82
C ALA A 68 4.61 -0.78 -25.27
N ASN A 69 5.01 -1.95 -25.78
CA ASN A 69 5.47 -2.11 -27.16
C ASN A 69 6.62 -1.15 -27.47
N PHE A 70 7.58 -1.10 -26.54
CA PHE A 70 8.76 -0.26 -26.71
C PHE A 70 9.63 -0.79 -27.84
N PRO A 71 10.47 0.08 -28.43
CA PRO A 71 11.50 -0.42 -29.35
C PRO A 71 12.46 -1.34 -28.63
N GLN A 72 13.04 -2.27 -29.38
CA GLN A 72 13.81 -3.35 -28.75
C GLN A 72 15.13 -2.89 -28.14
N TYR A 73 15.58 -1.65 -28.39
CA TYR A 73 16.76 -1.17 -27.67
C TYR A 73 16.38 -0.74 -26.26
N VAL A 74 15.31 0.04 -26.13
CA VAL A 74 14.77 0.37 -24.82
C VAL A 74 14.39 -0.90 -24.07
N MET A 75 13.75 -1.83 -24.77
CA MET A 75 13.38 -3.10 -24.14
C MET A 75 14.60 -3.91 -23.75
N ASP A 76 15.67 -3.85 -24.56
CA ASP A 76 16.90 -4.57 -24.24
C ASP A 76 17.52 -4.04 -22.95
N VAL A 77 17.71 -2.72 -22.87
CA VAL A 77 18.27 -2.14 -21.66
C VAL A 77 17.36 -2.36 -20.47
N LEU A 78 16.03 -2.28 -20.69
CA LEU A 78 15.06 -2.46 -19.63
C LEU A 78 15.14 -3.86 -19.05
N MET A 79 15.16 -4.88 -19.91
CA MET A 79 15.29 -6.26 -19.44
C MET A 79 16.67 -6.51 -18.84
N ASP A 80 17.68 -5.77 -19.30
CA ASP A 80 19.00 -5.88 -18.68
C ASP A 80 18.99 -5.32 -17.27
N GLN A 81 18.10 -4.37 -16.98
CA GLN A 81 17.95 -3.89 -15.60
C GLN A 81 17.37 -4.95 -14.67
N HIS A 82 16.75 -6.00 -15.22
CA HIS A 82 16.18 -7.09 -14.45
C HIS A 82 15.07 -6.61 -13.51
N PHE A 83 14.17 -5.80 -14.06
CA PHE A 83 13.00 -5.34 -13.30
C PHE A 83 11.92 -6.41 -13.31
N THR A 84 11.37 -6.72 -12.14
CA THR A 84 10.33 -7.73 -12.06
C THR A 84 9.02 -7.24 -12.65
N GLU A 85 8.72 -5.94 -12.51
CA GLU A 85 7.45 -5.39 -12.97
C GLU A 85 7.59 -3.88 -13.03
N PRO A 86 6.84 -3.22 -13.90
CA PRO A 86 6.82 -1.74 -13.88
C PRO A 86 6.14 -1.22 -12.62
N THR A 87 6.62 -0.07 -12.14
CA THR A 87 6.03 0.57 -10.99
C THR A 87 4.62 1.06 -11.33
N PRO A 88 3.79 1.30 -10.31
CA PRO A 88 2.42 1.80 -10.60
C PRO A 88 2.39 3.09 -11.40
N ILE A 89 3.24 4.05 -11.05
CA ILE A 89 3.29 5.29 -11.81
C ILE A 89 3.71 5.01 -13.24
N GLN A 90 4.60 4.04 -13.45
CA GLN A 90 4.93 3.65 -14.82
C GLN A 90 3.76 2.94 -15.48
N CYS A 91 3.11 2.03 -14.75
CA CYS A 91 1.97 1.29 -15.29
C CYS A 91 0.89 2.20 -15.82
N GLN A 92 0.67 3.35 -15.17
CA GLN A 92 -0.38 4.26 -15.63
C GLN A 92 0.15 5.41 -16.48
N GLY A 93 1.44 5.74 -16.41
CA GLY A 93 1.97 6.85 -17.17
C GLY A 93 2.48 6.48 -18.54
N PHE A 94 2.99 5.25 -18.70
CA PHE A 94 3.36 4.76 -20.02
C PHE A 94 2.23 4.89 -21.04
N PRO A 95 1.01 4.41 -20.77
CA PRO A 95 -0.06 4.62 -21.77
C PRO A 95 -0.40 6.08 -21.98
N LEU A 96 -0.47 6.86 -20.89
CA LEU A 96 -0.81 8.27 -21.01
C LEU A 96 0.22 9.01 -21.86
N ALA A 97 1.50 8.89 -21.51
CA ALA A 97 2.54 9.61 -22.23
C ALA A 97 2.69 9.11 -23.65
N LEU A 98 2.65 7.79 -23.84
CA LEU A 98 2.77 7.23 -25.19
C LEU A 98 1.55 7.54 -26.05
N SER A 99 0.43 7.94 -25.44
CA SER A 99 -0.74 8.37 -26.19
C SER A 99 -0.73 9.87 -26.50
N GLY A 100 0.32 10.59 -26.09
CA GLY A 100 0.41 12.00 -26.38
C GLY A 100 -0.38 12.90 -25.47
N ARG A 101 -0.78 12.41 -24.29
CA ARG A 101 -1.61 13.18 -23.37
C ARG A 101 -0.75 14.01 -22.45
N ASP A 102 -1.12 15.28 -22.27
CA ASP A 102 -0.58 16.05 -21.17
C ASP A 102 -1.05 15.44 -19.85
N MET A 103 -0.16 15.38 -18.87
CA MET A 103 -0.55 14.69 -17.64
C MET A 103 0.15 15.28 -16.44
N VAL A 104 -0.47 15.07 -15.28
CA VAL A 104 0.09 15.42 -13.98
C VAL A 104 0.21 14.15 -13.15
N GLY A 105 1.38 13.94 -12.55
CA GLY A 105 1.61 12.79 -11.71
C GLY A 105 1.94 13.15 -10.29
N ILE A 106 1.09 12.75 -9.35
CA ILE A 106 1.29 12.98 -7.93
C ILE A 106 1.84 11.67 -7.36
N ALA A 107 3.15 11.62 -7.22
CA ALA A 107 3.84 10.46 -6.67
C ALA A 107 5.12 10.93 -5.98
N GLN A 108 5.53 10.18 -4.96
CA GLN A 108 6.74 10.53 -4.23
C GLN A 108 7.98 10.14 -5.03
N THR A 109 9.14 10.56 -4.53
CA THR A 109 10.40 10.19 -5.15
C THR A 109 10.68 8.70 -4.91
N GLY A 110 11.40 8.10 -5.86
CA GLY A 110 11.61 6.67 -5.83
C GLY A 110 10.49 5.85 -6.42
N SER A 111 9.46 6.49 -6.97
CA SER A 111 8.34 5.79 -7.57
C SER A 111 8.60 5.35 -9.01
N GLY A 112 9.68 5.84 -9.63
CA GLY A 112 9.99 5.47 -10.99
C GLY A 112 9.43 6.39 -12.06
N LYS A 113 9.16 7.66 -11.72
CA LYS A 113 8.60 8.58 -12.70
C LYS A 113 9.59 8.90 -13.81
N THR A 114 10.89 8.83 -13.52
CA THR A 114 11.91 9.19 -14.49
C THR A 114 11.77 8.36 -15.77
N LEU A 115 11.77 7.03 -15.64
CA LEU A 115 11.55 6.18 -16.80
C LEU A 115 10.20 6.47 -17.44
N ALA A 116 9.18 6.72 -16.60
CA ALA A 116 7.82 6.92 -17.08
C ALA A 116 7.71 8.10 -18.03
N TYR A 117 8.49 9.16 -17.81
CA TYR A 117 8.47 10.26 -18.76
C TYR A 117 9.64 10.26 -19.73
N LEU A 118 10.65 9.43 -19.51
CA LEU A 118 11.82 9.43 -20.38
C LEU A 118 11.70 8.46 -21.55
N LEU A 119 11.19 7.24 -21.32
CA LEU A 119 11.04 6.30 -22.42
C LEU A 119 10.04 6.80 -23.47
N PRO A 120 8.84 7.28 -23.10
CA PRO A 120 7.99 7.92 -24.12
C PRO A 120 8.65 9.11 -24.80
N ALA A 121 9.53 9.84 -24.10
CA ALA A 121 10.28 10.90 -24.74
C ALA A 121 11.20 10.34 -25.82
N ILE A 122 11.84 9.20 -25.55
CA ILE A 122 12.71 8.57 -26.54
C ILE A 122 11.91 8.15 -27.76
N VAL A 123 10.73 7.58 -27.56
CA VAL A 123 9.89 7.18 -28.69
C VAL A 123 9.44 8.41 -29.48
N HIS A 124 8.97 9.44 -28.77
CA HIS A 124 8.58 10.70 -29.38
C HIS A 124 9.69 11.26 -30.27
N ILE A 125 10.92 11.25 -29.77
CA ILE A 125 12.05 11.76 -30.56
C ILE A 125 12.31 10.84 -31.75
N ASN A 126 12.21 9.52 -31.54
CA ASN A 126 12.49 8.58 -32.62
C ASN A 126 11.52 8.75 -33.78
N HIS A 127 10.31 9.24 -33.51
CA HIS A 127 9.34 9.46 -34.57
C HIS A 127 9.50 10.83 -35.25
N GLN A 128 10.62 11.50 -35.05
CA GLN A 128 10.86 12.84 -35.57
C GLN A 128 12.12 12.85 -36.43
N PRO A 129 12.27 13.83 -37.33
CA PRO A 129 13.47 13.90 -38.15
C PRO A 129 14.70 14.28 -37.31
N TYR A 130 15.87 14.08 -37.92
CA TYR A 130 17.12 14.31 -37.23
C TYR A 130 17.35 15.80 -36.99
N LEU A 131 18.29 16.09 -36.10
CA LEU A 131 18.66 17.47 -35.79
C LEU A 131 19.53 18.04 -36.90
N GLU A 132 19.19 19.24 -37.35
CA GLU A 132 20.05 19.99 -38.26
C GLU A 132 20.85 21.01 -37.48
N ARG A 133 21.80 21.66 -38.16
CA ARG A 133 22.74 22.54 -37.48
C ARG A 133 22.01 23.71 -36.82
N GLY A 134 22.24 23.88 -35.52
CA GLY A 134 21.64 24.94 -34.76
C GLY A 134 20.32 24.59 -34.10
N ASP A 135 19.80 23.39 -34.32
CA ASP A 135 18.51 23.01 -33.75
C ASP A 135 18.63 22.80 -32.25
N GLY A 136 17.64 23.30 -31.51
CA GLY A 136 17.57 23.06 -30.09
C GLY A 136 17.09 21.67 -29.77
N PRO A 137 16.92 21.40 -28.49
CA PRO A 137 16.50 20.06 -28.06
C PRO A 137 15.03 19.81 -28.38
N ILE A 138 14.71 18.54 -28.60
CA ILE A 138 13.32 18.14 -28.83
C ILE A 138 12.59 17.92 -27.50
N CYS A 139 13.27 17.30 -26.54
CA CYS A 139 12.73 17.07 -25.21
C CYS A 139 13.46 17.94 -24.21
N LEU A 140 12.70 18.68 -23.40
CA LEU A 140 13.25 19.53 -22.36
C LEU A 140 12.68 19.10 -21.01
N VAL A 141 13.57 18.69 -20.11
CA VAL A 141 13.21 18.32 -18.74
C VAL A 141 13.76 19.39 -17.80
N LEU A 142 12.86 20.11 -17.12
CA LEU A 142 13.25 21.12 -16.15
C LEU A 142 13.26 20.51 -14.76
N ALA A 143 14.38 20.66 -14.05
CA ALA A 143 14.56 20.08 -12.74
C ALA A 143 14.95 21.15 -11.74
N PRO A 144 14.56 20.99 -10.47
CA PRO A 144 14.86 22.03 -9.47
C PRO A 144 16.31 22.04 -9.02
N THR A 145 16.98 20.90 -8.95
CA THR A 145 18.33 20.82 -8.41
C THR A 145 19.30 20.24 -9.45
N ARG A 146 20.58 20.45 -9.19
CA ARG A 146 21.62 19.89 -10.05
C ARG A 146 21.69 18.37 -9.90
N GLU A 147 21.47 17.87 -8.68
CA GLU A 147 21.58 16.43 -8.43
C GLU A 147 20.52 15.66 -9.20
N LEU A 148 19.26 16.11 -9.13
CA LEU A 148 18.20 15.45 -9.87
C LEU A 148 18.44 15.53 -11.38
N ALA A 149 18.94 16.68 -11.84
CA ALA A 149 19.26 16.84 -13.26
C ALA A 149 20.30 15.83 -13.69
N GLN A 150 21.34 15.63 -12.86
CA GLN A 150 22.38 14.67 -13.21
C GLN A 150 21.86 13.24 -13.20
N GLN A 151 20.99 12.91 -12.23
CA GLN A 151 20.37 11.58 -12.21
C GLN A 151 19.59 11.33 -13.49
N VAL A 152 18.73 12.29 -13.86
CA VAL A 152 17.88 12.13 -15.04
C VAL A 152 18.74 12.04 -16.29
N GLN A 153 19.84 12.80 -16.34
CA GLN A 153 20.72 12.74 -17.51
C GLN A 153 21.42 11.39 -17.60
N GLN A 154 21.84 10.84 -16.46
CA GLN A 154 22.43 9.50 -16.47
C GLN A 154 21.45 8.47 -17.00
N VAL A 155 20.19 8.55 -16.55
CA VAL A 155 19.17 7.62 -17.06
C VAL A 155 18.96 7.81 -18.56
N ALA A 156 18.87 9.07 -19.00
CA ALA A 156 18.61 9.36 -20.40
C ALA A 156 19.73 8.85 -21.29
N ASP A 157 20.98 8.96 -20.83
CA ASP A 157 22.09 8.43 -21.61
C ASP A 157 22.12 6.91 -21.56
N ASP A 158 21.72 6.31 -20.42
CA ASP A 158 21.65 4.85 -20.35
C ASP A 158 20.66 4.29 -21.36
N TYR A 159 19.55 5.00 -21.58
CA TYR A 159 18.49 4.49 -22.44
C TYR A 159 18.49 5.09 -23.85
N GLY A 160 19.36 6.05 -24.14
CA GLY A 160 19.35 6.67 -25.44
C GLY A 160 20.63 6.49 -26.22
N LYS A 161 21.66 5.92 -25.59
CA LYS A 161 22.93 5.72 -26.28
C LYS A 161 22.81 4.72 -27.42
N CYS A 162 21.92 3.73 -27.31
CA CYS A 162 21.85 2.75 -28.39
C CYS A 162 21.13 3.32 -29.60
N SER A 163 20.12 4.18 -29.40
CA SER A 163 19.50 4.92 -30.49
C SER A 163 20.35 6.09 -30.96
N ARG A 164 21.59 6.20 -30.47
CA ARG A 164 22.51 7.27 -30.81
C ARG A 164 21.93 8.66 -30.50
N LEU A 165 21.05 8.72 -29.50
CA LEU A 165 20.50 9.99 -29.06
C LEU A 165 21.49 10.71 -28.17
N LYS A 166 21.64 12.01 -28.39
CA LYS A 166 22.54 12.85 -27.60
C LYS A 166 21.72 13.63 -26.58
N SER A 167 22.12 13.55 -25.32
CA SER A 167 21.47 14.25 -24.23
C SER A 167 22.51 15.03 -23.45
N THR A 168 22.07 16.10 -22.79
CA THR A 168 22.98 16.93 -22.01
C THR A 168 22.30 17.41 -20.73
N CYS A 169 23.14 17.75 -19.76
CA CYS A 169 22.72 18.24 -18.45
C CYS A 169 23.21 19.66 -18.28
N ILE A 170 22.28 20.60 -18.10
CA ILE A 170 22.55 22.02 -18.01
C ILE A 170 22.22 22.48 -16.59
N TYR A 171 23.24 22.97 -15.87
CA TYR A 171 23.00 23.41 -14.50
C TYR A 171 24.06 24.42 -14.10
N GLY A 172 23.69 25.28 -13.14
CA GLY A 172 24.63 26.26 -12.64
C GLY A 172 25.62 25.68 -11.65
N GLY A 173 26.70 26.43 -11.43
CA GLY A 173 27.79 25.97 -10.60
C GLY A 173 28.85 25.19 -11.34
N ALA A 174 28.61 24.85 -12.60
CA ALA A 174 29.55 24.14 -13.45
C ALA A 174 30.06 25.08 -14.55
N PRO A 175 31.23 24.79 -15.12
CA PRO A 175 31.74 25.65 -16.20
C PRO A 175 30.84 25.62 -17.42
N LYS A 176 30.79 26.74 -18.12
CA LYS A 176 29.89 26.91 -19.25
C LYS A 176 30.43 26.30 -20.54
N GLY A 177 31.74 26.04 -20.62
CA GLY A 177 32.36 25.56 -21.83
C GLY A 177 31.81 24.26 -22.36
N PRO A 178 31.90 23.18 -21.56
CA PRO A 178 31.37 21.89 -22.01
C PRO A 178 29.89 21.93 -22.31
N GLN A 179 29.11 22.68 -21.53
CA GLN A 179 27.68 22.77 -21.77
C GLN A 179 27.38 23.48 -23.10
N ILE A 180 28.10 24.58 -23.36
CA ILE A 180 27.93 25.28 -24.64
C ILE A 180 28.31 24.38 -25.80
N ARG A 181 29.39 23.61 -25.64
CA ARG A 181 29.82 22.72 -26.72
C ARG A 181 28.78 21.62 -26.96
N ASP A 182 28.25 21.04 -25.90
CA ASP A 182 27.20 20.02 -26.05
C ASP A 182 25.97 20.61 -26.73
N LEU A 183 25.57 21.82 -26.34
CA LEU A 183 24.38 22.42 -26.92
C LEU A 183 24.59 22.76 -28.39
N GLU A 184 25.77 23.25 -28.75
CA GLU A 184 26.01 23.66 -30.13
C GLU A 184 26.22 22.48 -31.06
N ARG A 185 26.80 21.39 -30.54
CA ARG A 185 26.91 20.19 -31.38
C ARG A 185 25.57 19.47 -31.53
N GLY A 186 24.57 19.82 -30.73
CA GLY A 186 23.24 19.28 -30.89
C GLY A 186 22.87 18.18 -29.91
N VAL A 187 21.75 18.36 -29.21
CA VAL A 187 21.22 17.34 -28.32
C VAL A 187 19.72 17.23 -28.53
N GLU A 188 19.20 16.01 -28.47
CA GLU A 188 17.76 15.80 -28.56
C GLU A 188 17.08 15.90 -27.21
N ILE A 189 17.81 15.60 -26.13
CA ILE A 189 17.28 15.65 -24.77
C ILE A 189 18.14 16.62 -23.97
N CYS A 190 17.50 17.62 -23.39
CA CYS A 190 18.18 18.59 -22.54
C CYS A 190 17.51 18.59 -21.17
N ILE A 191 18.30 18.29 -20.13
CA ILE A 191 17.81 18.31 -18.75
C ILE A 191 18.48 19.47 -18.05
N ALA A 192 17.70 20.50 -17.74
CA ALA A 192 18.26 21.78 -17.32
C ALA A 192 17.64 22.26 -16.02
N THR A 193 18.45 23.02 -15.23
CA THR A 193 17.97 23.88 -14.17
C THR A 193 17.61 25.25 -14.76
N PRO A 194 16.63 25.95 -14.18
CA PRO A 194 16.08 27.13 -14.87
C PRO A 194 17.10 28.24 -15.14
N GLY A 195 17.94 28.58 -14.16
CA GLY A 195 18.78 29.76 -14.30
C GLY A 195 19.80 29.64 -15.42
N ARG A 196 20.57 28.54 -15.42
CA ARG A 196 21.57 28.35 -16.45
C ARG A 196 20.94 28.23 -17.84
N LEU A 197 19.75 27.60 -17.90
CA LEU A 197 19.06 27.50 -19.18
C LEU A 197 18.63 28.86 -19.70
N ILE A 198 18.10 29.72 -18.81
CA ILE A 198 17.75 31.07 -19.23
C ILE A 198 18.98 31.81 -19.71
N ASP A 199 20.09 31.66 -18.99
CA ASP A 199 21.35 32.27 -19.41
C ASP A 199 21.71 31.86 -20.83
N PHE A 200 21.66 30.55 -21.11
CA PHE A 200 22.03 30.07 -22.43
C PHE A 200 21.04 30.49 -23.50
N LEU A 201 19.76 30.61 -23.16
CA LEU A 201 18.75 31.03 -24.14
C LEU A 201 18.92 32.50 -24.51
N GLU A 202 19.15 33.36 -23.52
CA GLU A 202 19.30 34.78 -23.80
C GLU A 202 20.56 35.06 -24.63
N SER A 203 21.62 34.29 -24.43
CA SER A 203 22.84 34.45 -25.21
C SER A 203 22.80 33.69 -26.53
N GLY A 204 21.73 32.95 -26.81
CA GLY A 204 21.58 32.27 -28.08
C GLY A 204 22.35 30.97 -28.21
N LYS A 205 22.91 30.44 -27.13
CA LYS A 205 23.63 29.17 -27.21
C LYS A 205 22.71 27.99 -27.48
N THR A 206 21.41 28.16 -27.26
CA THR A 206 20.42 27.14 -27.60
C THR A 206 19.08 27.84 -27.78
N ASN A 207 18.14 27.10 -28.37
CA ASN A 207 16.81 27.63 -28.62
C ASN A 207 15.78 26.54 -28.36
N LEU A 208 14.51 26.93 -28.39
CA LEU A 208 13.40 26.02 -28.09
C LEU A 208 12.43 25.88 -29.25
N ARG A 209 12.85 26.24 -30.46
CA ARG A 209 11.97 26.13 -31.63
C ARG A 209 11.66 24.68 -31.97
N ARG A 210 12.46 23.74 -31.49
CA ARG A 210 12.33 22.33 -31.82
C ARG A 210 11.69 21.51 -30.71
N CYS A 211 11.55 22.07 -29.51
CA CYS A 211 11.05 21.33 -28.36
C CYS A 211 9.55 21.09 -28.47
N THR A 212 9.15 19.83 -28.56
CA THR A 212 7.76 19.44 -28.59
C THR A 212 7.35 18.59 -27.38
N TYR A 213 8.28 18.36 -26.44
CA TYR A 213 8.06 17.44 -25.33
C TYR A 213 8.65 18.08 -24.07
N LEU A 214 7.77 18.60 -23.21
CA LEU A 214 8.17 19.34 -22.02
C LEU A 214 7.85 18.52 -20.77
N VAL A 215 8.83 18.44 -19.86
CA VAL A 215 8.68 17.73 -18.60
C VAL A 215 9.06 18.69 -17.47
N LEU A 216 8.20 18.78 -16.46
CA LEU A 216 8.44 19.60 -15.28
C LEU A 216 8.53 18.66 -14.09
N ASP A 217 9.76 18.32 -13.71
CA ASP A 217 10.01 17.39 -12.62
C ASP A 217 10.01 18.14 -11.29
N GLU A 218 9.32 17.57 -10.30
CA GLU A 218 9.24 18.13 -8.95
C GLU A 218 8.79 19.59 -8.97
N ALA A 219 7.62 19.81 -9.58
CA ALA A 219 7.10 21.16 -9.74
C ALA A 219 6.86 21.85 -8.39
N ASP A 220 6.45 21.08 -7.37
CA ASP A 220 6.23 21.67 -6.06
C ASP A 220 7.53 22.24 -5.49
N ARG A 221 8.63 21.48 -5.60
CA ARG A 221 9.92 22.00 -5.15
C ARG A 221 10.33 23.22 -5.95
N MET A 222 10.13 23.19 -7.27
CA MET A 222 10.49 24.32 -8.11
C MET A 222 9.74 25.58 -7.70
N LEU A 223 8.46 25.43 -7.33
CA LEU A 223 7.70 26.60 -6.86
C LEU A 223 8.16 27.03 -5.47
N ASP A 224 8.48 26.07 -4.60
CA ASP A 224 8.86 26.41 -3.23
C ASP A 224 10.21 27.11 -3.17
N MET A 225 11.09 26.84 -4.12
CA MET A 225 12.43 27.42 -4.14
C MET A 225 12.50 28.73 -4.90
N GLY A 226 11.37 29.23 -5.42
CA GLY A 226 11.33 30.52 -6.07
C GLY A 226 11.62 30.52 -7.55
N PHE A 227 11.38 29.41 -8.25
CA PHE A 227 11.70 29.30 -9.65
C PHE A 227 10.51 29.56 -10.57
N GLU A 228 9.35 29.94 -10.02
CA GLU A 228 8.16 30.09 -10.85
C GLU A 228 8.30 31.14 -11.94
N PRO A 229 8.80 32.36 -11.67
CA PRO A 229 8.98 33.31 -12.80
C PRO A 229 9.94 32.80 -13.85
N GLN A 230 11.04 32.16 -13.44
CA GLN A 230 11.98 31.61 -14.42
C GLN A 230 11.34 30.48 -15.23
N ILE A 231 10.59 29.60 -14.57
CA ILE A 231 9.92 28.51 -15.27
C ILE A 231 8.92 29.06 -16.27
N ARG A 232 8.15 30.08 -15.88
CA ARG A 232 7.17 30.67 -16.79
C ARG A 232 7.86 31.34 -17.97
N LYS A 233 8.96 32.05 -17.71
CA LYS A 233 9.72 32.68 -18.79
C LYS A 233 10.24 31.63 -19.78
N ILE A 234 10.66 30.47 -19.27
CA ILE A 234 11.14 29.41 -20.16
C ILE A 234 9.98 28.81 -20.96
N VAL A 235 8.89 28.46 -20.28
CA VAL A 235 7.78 27.76 -20.92
C VAL A 235 7.08 28.67 -21.94
N ASP A 236 7.13 29.99 -21.74
CA ASP A 236 6.51 30.91 -22.69
C ASP A 236 7.09 30.79 -24.09
N GLN A 237 8.32 30.28 -24.22
CA GLN A 237 8.99 30.18 -25.51
C GLN A 237 8.79 28.83 -26.18
N ILE A 238 7.97 27.94 -25.60
CA ILE A 238 7.71 26.63 -26.14
C ILE A 238 6.30 26.63 -26.73
N ARG A 239 6.15 25.98 -27.88
CA ARG A 239 4.87 26.01 -28.60
C ARG A 239 3.77 25.38 -27.75
N PRO A 240 2.58 25.98 -27.70
CA PRO A 240 1.54 25.48 -26.80
C PRO A 240 0.96 24.13 -27.19
N ASP A 241 1.08 23.71 -28.44
CA ASP A 241 0.59 22.40 -28.86
C ASP A 241 1.54 21.28 -28.48
N ARG A 242 2.53 21.57 -27.63
CA ARG A 242 3.46 20.57 -27.13
C ARG A 242 2.72 19.52 -26.29
N GLN A 243 3.47 18.50 -25.88
CA GLN A 243 3.03 17.54 -24.88
C GLN A 243 3.74 17.85 -23.57
N THR A 244 2.98 18.07 -22.52
CA THR A 244 3.52 18.49 -21.23
C THR A 244 3.22 17.44 -20.16
N LEU A 245 4.26 17.07 -19.41
CA LEU A 245 4.14 16.14 -18.29
C LEU A 245 4.69 16.83 -17.04
N MET A 246 3.81 17.07 -16.07
CA MET A 246 4.19 17.67 -14.80
C MET A 246 4.19 16.61 -13.72
N TRP A 247 5.19 16.67 -12.84
CA TRP A 247 5.34 15.69 -11.76
C TRP A 247 5.53 16.43 -10.45
N SER A 248 4.79 16.02 -9.42
CA SER A 248 4.85 16.70 -8.14
C SER A 248 4.51 15.70 -7.04
N ALA A 249 5.07 15.94 -5.85
CA ALA A 249 4.76 15.12 -4.68
C ALA A 249 3.54 15.62 -3.92
N THR A 250 3.13 16.87 -4.17
CA THR A 250 1.94 17.45 -3.55
C THR A 250 1.08 18.07 -4.64
N TRP A 251 -0.15 18.41 -4.27
CA TRP A 251 -1.14 18.96 -5.21
C TRP A 251 -1.83 20.17 -4.60
N PRO A 252 -1.08 21.24 -4.26
CA PRO A 252 -1.71 22.42 -3.68
C PRO A 252 -2.16 23.42 -4.74
N LYS A 253 -2.57 24.62 -4.31
CA LYS A 253 -3.14 25.59 -5.23
C LYS A 253 -2.12 26.08 -6.25
N GLU A 254 -0.88 26.30 -5.81
CA GLU A 254 0.13 26.83 -6.73
C GLU A 254 0.43 25.83 -7.84
N VAL A 255 0.52 24.54 -7.50
CA VAL A 255 0.81 23.53 -8.52
C VAL A 255 -0.39 23.32 -9.44
N ARG A 256 -1.61 23.38 -8.88
CA ARG A 256 -2.80 23.30 -9.72
C ARG A 256 -2.86 24.45 -10.71
N GLN A 257 -2.55 25.66 -10.26
CA GLN A 257 -2.55 26.81 -11.16
C GLN A 257 -1.46 26.67 -12.22
N LEU A 258 -0.26 26.22 -11.81
CA LEU A 258 0.81 25.98 -12.78
C LEU A 258 0.38 24.97 -13.83
N ALA A 259 -0.33 23.91 -13.41
CA ALA A 259 -0.77 22.89 -14.34
C ALA A 259 -1.83 23.44 -15.30
N GLU A 260 -2.80 24.19 -14.78
CA GLU A 260 -3.81 24.78 -15.66
C GLU A 260 -3.18 25.80 -16.61
N ASP A 261 -2.08 26.42 -16.21
CA ASP A 261 -1.41 27.39 -17.08
C ASP A 261 -0.55 26.71 -18.14
N PHE A 262 0.07 25.58 -17.82
CA PHE A 262 1.06 24.97 -18.71
C PHE A 262 0.54 23.74 -19.45
N LEU A 263 -0.62 23.20 -19.07
CA LEU A 263 -1.14 21.97 -19.67
C LEU A 263 -2.52 22.21 -20.25
N ARG A 264 -2.84 21.46 -21.31
CA ARG A 264 -4.11 21.57 -22.02
C ARG A 264 -4.78 20.21 -22.04
N ASP A 265 -6.00 20.15 -21.48
CA ASP A 265 -6.81 18.93 -21.46
C ASP A 265 -6.03 17.77 -20.83
N TYR A 266 -5.48 18.02 -19.66
CA TYR A 266 -4.62 17.05 -19.00
C TYR A 266 -5.41 16.16 -18.04
N THR A 267 -4.79 15.05 -17.66
CA THR A 267 -5.32 14.15 -16.66
C THR A 267 -4.35 14.07 -15.49
N GLN A 268 -4.90 14.08 -14.27
CA GLN A 268 -4.10 13.97 -13.06
C GLN A 268 -4.25 12.58 -12.49
N ILE A 269 -3.12 11.95 -12.16
CA ILE A 269 -3.13 10.63 -11.53
C ILE A 269 -2.33 10.71 -10.24
N ASN A 270 -2.70 9.86 -9.28
CA ASN A 270 -2.08 9.77 -7.97
C ASN A 270 -1.62 8.34 -7.73
N VAL A 271 -0.41 8.20 -7.16
CA VAL A 271 0.09 6.91 -6.71
C VAL A 271 0.39 7.02 -5.22
N GLY A 272 -0.08 6.03 -4.45
CA GLY A 272 -0.02 6.10 -3.01
C GLY A 272 -1.26 6.74 -2.43
N ASN A 273 -1.29 6.82 -1.10
CA ASN A 273 -2.43 7.42 -0.44
C ASN A 273 -2.48 8.93 -0.70
N LEU A 274 -3.67 9.50 -0.53
CA LEU A 274 -3.91 10.87 -0.95
C LEU A 274 -3.06 11.86 -0.17
N GLU A 275 -2.94 11.66 1.13
CA GLU A 275 -2.29 12.61 2.06
C GLU A 275 -3.07 13.92 1.91
N LEU A 276 -2.40 15.05 1.65
CA LEU A 276 -3.11 16.30 1.38
C LEU A 276 -2.82 16.75 -0.05
N HIS A 280 -8.19 16.88 -2.05
CA HIS A 280 -7.64 17.42 -0.81
C HIS A 280 -7.96 18.90 -0.65
N ASN A 281 -8.20 19.57 -1.78
CA ASN A 281 -8.39 21.02 -1.81
C ASN A 281 -9.85 21.32 -2.07
N ILE A 282 -10.56 21.74 -1.02
CA ILE A 282 -11.94 22.20 -1.13
C ILE A 282 -12.02 23.60 -0.55
N LEU A 283 -12.99 24.38 -1.04
CA LEU A 283 -13.13 25.79 -0.66
C LEU A 283 -13.60 25.88 0.78
N GLN A 284 -12.63 25.79 1.71
CA GLN A 284 -12.91 26.01 3.12
C GLN A 284 -13.25 27.48 3.34
N ILE A 285 -14.50 27.76 3.69
CA ILE A 285 -14.95 29.13 3.92
C ILE A 285 -15.58 29.23 5.29
N VAL A 286 -15.08 30.15 6.09
CA VAL A 286 -15.62 30.47 7.41
C VAL A 286 -16.40 31.76 7.31
N ASP A 287 -17.53 31.84 8.01
CA ASP A 287 -18.27 33.08 8.12
C ASP A 287 -18.49 33.39 9.60
N VAL A 288 -18.07 34.58 10.02
CA VAL A 288 -18.22 35.03 11.39
C VAL A 288 -19.57 35.72 11.52
N CYS A 289 -20.42 35.19 12.38
CA CYS A 289 -21.77 35.71 12.56
C CYS A 289 -21.99 35.98 14.05
N MET A 290 -23.25 35.96 14.46
CA MET A 290 -23.65 35.81 15.85
C MET A 290 -24.61 34.63 15.92
N GLU A 291 -24.84 34.15 17.13
CA GLU A 291 -25.57 32.90 17.34
C GLU A 291 -26.92 32.89 16.62
N SER A 292 -27.85 33.73 17.05
CA SER A 292 -29.21 33.71 16.54
C SER A 292 -29.32 34.17 15.09
N GLU A 293 -28.21 34.47 14.42
CA GLU A 293 -28.21 34.76 13.00
C GLU A 293 -27.80 33.56 12.15
N LYS A 294 -27.60 32.39 12.78
CA LYS A 294 -27.15 31.22 12.04
C LYS A 294 -28.25 30.68 11.13
N ASP A 295 -29.42 30.35 11.71
CA ASP A 295 -30.46 29.64 11.00
C ASP A 295 -30.77 30.28 9.65
N HIS A 296 -31.03 31.59 9.64
CA HIS A 296 -31.21 32.38 8.44
C HIS A 296 -30.16 31.99 7.39
N LYS A 297 -28.90 32.30 7.69
CA LYS A 297 -27.81 31.95 6.79
C LYS A 297 -27.89 30.48 6.38
N LEU A 298 -28.13 29.59 7.34
CA LEU A 298 -28.15 28.17 7.02
C LEU A 298 -29.20 27.86 5.96
N ILE A 299 -30.41 28.40 6.13
CA ILE A 299 -31.45 28.19 5.11
C ILE A 299 -30.96 28.77 3.79
N GLN A 300 -30.37 29.97 3.83
CA GLN A 300 -29.68 30.52 2.68
C GLN A 300 -28.71 29.50 2.11
N LEU A 301 -27.83 28.98 2.96
CA LEU A 301 -26.81 28.00 2.61
C LEU A 301 -27.36 26.71 2.01
N MET A 302 -28.68 26.55 1.89
CA MET A 302 -29.19 25.47 1.06
C MET A 302 -30.32 25.89 0.14
N GLU A 303 -30.69 27.16 0.09
CA GLU A 303 -31.57 27.65 -0.97
C GLU A 303 -30.83 27.81 -2.29
N GLU A 304 -29.51 27.69 -2.29
CA GLU A 304 -28.68 27.74 -3.49
C GLU A 304 -28.38 26.36 -4.06
N ILE A 305 -28.95 25.30 -3.48
CA ILE A 305 -28.69 23.94 -3.95
C ILE A 305 -29.28 23.78 -5.35
N MET A 306 -28.42 23.47 -6.32
CA MET A 306 -28.83 23.33 -7.70
C MET A 306 -29.16 21.88 -8.04
N LYS A 312 -24.96 14.94 -0.59
CA LYS A 312 -24.79 16.25 -1.22
C LYS A 312 -24.46 17.33 -0.19
N THR A 313 -25.06 17.22 1.00
CA THR A 313 -24.87 18.20 2.06
C THR A 313 -24.78 17.48 3.39
N ILE A 314 -23.73 17.77 4.15
CA ILE A 314 -23.52 17.20 5.48
C ILE A 314 -23.34 18.34 6.47
N ILE A 315 -24.24 18.44 7.43
CA ILE A 315 -24.21 19.46 8.48
C ILE A 315 -23.72 18.81 9.76
N PHE A 316 -22.85 19.53 10.46
CA PHE A 316 -22.27 19.08 11.72
C PHE A 316 -22.69 20.04 12.83
N VAL A 317 -23.12 19.48 13.96
CA VAL A 317 -23.47 20.25 15.14
C VAL A 317 -22.68 19.69 16.32
N GLU A 318 -22.87 20.31 17.48
CA GLU A 318 -22.23 19.90 18.72
C GLU A 318 -23.06 18.87 19.48
N THR A 319 -24.34 19.12 19.61
CA THR A 319 -25.24 18.33 20.43
C THR A 319 -25.85 17.18 19.64
N LYS A 320 -26.45 16.25 20.38
CA LYS A 320 -27.49 15.39 19.81
C LYS A 320 -28.86 16.03 19.98
N ARG A 321 -29.04 16.81 21.06
CA ARG A 321 -30.29 17.53 21.28
C ARG A 321 -30.58 18.48 20.13
N ARG A 322 -29.73 19.49 19.93
CA ARG A 322 -29.93 20.40 18.82
C ARG A 322 -29.69 19.72 17.47
N CYS A 323 -29.03 18.57 17.44
CA CYS A 323 -29.01 17.76 16.22
C CYS A 323 -30.43 17.40 15.80
N ASP A 324 -31.14 16.69 16.68
CA ASP A 324 -32.54 16.35 16.39
C ASP A 324 -33.39 17.60 16.24
N ASP A 325 -33.08 18.66 17.00
CA ASP A 325 -33.86 19.89 16.94
C ASP A 325 -33.76 20.54 15.57
N LEU A 326 -32.53 20.65 15.04
CA LEU A 326 -32.32 21.26 13.74
C LEU A 326 -32.90 20.38 12.64
N THR A 327 -32.76 19.06 12.75
CA THR A 327 -33.39 18.17 11.77
C THR A 327 -34.89 18.38 11.75
N ARG A 328 -35.52 18.38 12.92
CA ARG A 328 -36.97 18.54 13.00
C ARG A 328 -37.41 19.93 12.53
N ARG A 329 -36.61 20.96 12.80
CA ARG A 329 -36.99 22.31 12.40
C ARG A 329 -36.89 22.49 10.89
N MET A 330 -35.83 21.97 10.28
CA MET A 330 -35.73 22.08 8.83
C MET A 330 -36.69 21.15 8.11
N ARG A 331 -37.10 20.04 8.75
CA ARG A 331 -38.19 19.24 8.18
C ARG A 331 -39.54 19.93 8.37
N ARG A 332 -39.65 20.77 9.41
CA ARG A 332 -40.84 21.61 9.56
C ARG A 332 -40.90 22.67 8.47
N ASP A 333 -39.75 23.22 8.09
CA ASP A 333 -39.66 24.19 7.01
C ASP A 333 -39.80 23.53 5.63
N GLY A 334 -39.70 22.22 5.55
CA GLY A 334 -39.82 21.51 4.30
C GLY A 334 -38.53 21.03 3.68
N TRP A 335 -37.48 20.84 4.47
CA TRP A 335 -36.22 20.41 3.88
C TRP A 335 -36.04 18.89 4.04
N PRO A 336 -35.54 18.22 3.00
CA PRO A 336 -35.33 16.76 3.08
C PRO A 336 -34.07 16.40 3.85
N ALA A 337 -34.14 16.58 5.17
CA ALA A 337 -33.01 16.36 6.06
C ALA A 337 -33.23 15.13 6.91
N MET A 338 -32.14 14.41 7.18
CA MET A 338 -32.16 13.25 8.05
C MET A 338 -30.91 13.28 8.92
N CYS A 339 -31.04 12.82 10.16
CA CYS A 339 -29.95 12.91 11.12
C CYS A 339 -29.42 11.53 11.48
N ILE A 340 -28.25 11.52 12.12
CA ILE A 340 -27.59 10.31 12.56
C ILE A 340 -26.68 10.64 13.74
N HIS A 341 -26.77 9.85 14.79
CA HIS A 341 -25.92 10.03 15.97
C HIS A 341 -25.82 8.70 16.69
N GLY A 342 -25.11 8.70 17.83
CA GLY A 342 -24.87 7.46 18.55
C GLY A 342 -26.10 6.88 19.20
N ASP A 343 -27.04 7.73 19.60
CA ASP A 343 -28.25 7.25 20.27
C ASP A 343 -29.21 6.53 19.33
N LYS A 344 -29.02 6.66 18.02
CA LYS A 344 -29.89 5.98 17.07
C LYS A 344 -29.41 4.56 16.83
N SER A 345 -30.35 3.68 16.51
CA SER A 345 -30.03 2.28 16.28
C SER A 345 -29.16 2.12 15.05
N GLN A 346 -28.69 0.89 14.83
CA GLN A 346 -27.87 0.60 13.66
C GLN A 346 -28.72 0.29 12.44
N PRO A 347 -29.87 -0.39 12.58
CA PRO A 347 -30.80 -0.43 11.43
C PRO A 347 -31.21 0.96 10.95
N GLU A 348 -31.59 1.84 11.89
CA GLU A 348 -31.94 3.20 11.50
C GLU A 348 -30.75 3.90 10.85
N ARG A 349 -29.54 3.68 11.36
CA ARG A 349 -28.36 4.31 10.79
C ARG A 349 -28.12 3.84 9.36
N ASP A 350 -28.17 2.52 9.14
CA ASP A 350 -27.97 1.99 7.79
C ASP A 350 -29.05 2.49 6.84
N TRP A 351 -30.29 2.57 7.32
CA TRP A 351 -31.39 3.05 6.47
C TRP A 351 -31.20 4.52 6.10
N VAL A 352 -30.81 5.35 7.07
CA VAL A 352 -30.59 6.77 6.79
C VAL A 352 -29.43 6.94 5.81
N LEU A 353 -28.36 6.15 5.98
CA LEU A 353 -27.24 6.23 5.05
C LEU A 353 -27.63 5.78 3.65
N ASN A 354 -28.48 4.75 3.56
CA ASN A 354 -28.98 4.32 2.26
C ASN A 354 -29.81 5.42 1.60
N GLU A 355 -30.68 6.07 2.37
CA GLU A 355 -31.45 7.18 1.82
C GLU A 355 -30.56 8.33 1.39
N PHE A 356 -29.46 8.56 2.12
CA PHE A 356 -28.54 9.63 1.75
C PHE A 356 -27.80 9.30 0.46
N ARG A 357 -27.34 8.06 0.32
CA ARG A 357 -26.56 7.70 -0.87
C ARG A 357 -27.44 7.59 -2.10
N SER A 358 -28.67 7.07 -1.94
CA SER A 358 -29.56 6.93 -3.09
C SER A 358 -30.07 8.29 -3.57
N GLY A 359 -30.23 9.25 -2.67
CA GLY A 359 -30.58 10.61 -3.05
C GLY A 359 -31.90 11.14 -2.51
N LYS A 360 -32.69 10.34 -1.79
CA LYS A 360 -33.95 10.84 -1.25
C LYS A 360 -33.72 11.91 -0.21
N ALA A 361 -32.83 11.65 0.74
CA ALA A 361 -32.47 12.59 1.78
C ALA A 361 -31.07 13.14 1.50
N PRO A 362 -30.94 14.13 0.61
CA PRO A 362 -29.61 14.64 0.27
C PRO A 362 -28.97 15.48 1.37
N ILE A 363 -29.65 15.68 2.49
CA ILE A 363 -29.13 16.46 3.61
C ILE A 363 -28.99 15.54 4.80
N LEU A 364 -27.76 15.35 5.27
CA LEU A 364 -27.48 14.58 6.46
C LEU A 364 -27.01 15.52 7.56
N ILE A 365 -27.47 15.29 8.78
CA ILE A 365 -27.07 16.05 9.96
C ILE A 365 -26.46 15.07 10.95
N ALA A 366 -25.26 15.37 11.44
CA ALA A 366 -24.54 14.34 12.17
C ALA A 366 -23.66 14.95 13.26
N THR A 367 -23.44 14.15 14.30
CA THR A 367 -22.35 14.36 15.24
C THR A 367 -21.44 13.14 15.20
N ASP A 368 -20.89 12.86 14.03
CA ASP A 368 -20.10 11.66 13.74
C ASP A 368 -20.79 10.39 14.25
N GLY A 373 -13.89 7.25 9.90
CA GLY A 373 -13.97 5.89 9.40
C GLY A 373 -15.02 5.73 8.31
N LEU A 374 -16.29 5.76 8.72
CA LEU A 374 -17.38 5.68 7.77
C LEU A 374 -17.38 6.90 6.87
N ASP A 375 -17.45 6.67 5.56
CA ASP A 375 -17.38 7.74 4.58
C ASP A 375 -18.47 7.58 3.53
N VAL A 376 -18.89 8.71 2.97
CA VAL A 376 -19.79 8.76 1.83
C VAL A 376 -19.08 9.54 0.71
N GLU A 377 -19.37 9.16 -0.53
CA GLU A 377 -18.54 9.62 -1.63
C GLU A 377 -19.02 10.93 -2.26
N ASP A 378 -20.32 11.08 -2.48
CA ASP A 378 -20.86 12.24 -3.19
C ASP A 378 -21.12 13.35 -2.17
N VAL A 379 -20.16 14.25 -2.02
CA VAL A 379 -20.22 15.35 -1.06
C VAL A 379 -20.10 16.64 -1.85
N LYS A 380 -21.15 17.46 -1.84
CA LYS A 380 -21.12 18.76 -2.50
C LYS A 380 -20.98 19.92 -1.54
N PHE A 381 -21.44 19.78 -0.30
CA PHE A 381 -21.38 20.86 0.67
C PHE A 381 -21.22 20.30 2.08
N VAL A 382 -20.28 20.87 2.83
CA VAL A 382 -20.07 20.55 4.23
C VAL A 382 -20.30 21.81 5.04
N ILE A 383 -21.18 21.74 6.04
CA ILE A 383 -21.57 22.90 6.83
C ILE A 383 -21.37 22.54 8.29
N ASN A 384 -20.25 22.99 8.86
CA ASN A 384 -20.04 22.90 10.30
C ASN A 384 -20.92 23.97 10.95
N TYR A 385 -22.19 23.61 11.16
CA TYR A 385 -23.17 24.56 11.69
C TYR A 385 -22.71 25.19 12.99
N ASP A 386 -22.00 24.42 13.82
CA ASP A 386 -21.35 24.95 15.00
C ASP A 386 -19.92 24.43 15.01
N TYR A 387 -18.96 25.36 15.04
CA TYR A 387 -17.55 25.00 14.96
C TYR A 387 -17.18 24.10 16.14
N PRO A 388 -16.48 22.99 15.90
CA PRO A 388 -16.08 22.12 17.02
C PRO A 388 -15.11 22.85 17.93
N ASN A 389 -14.92 22.29 19.13
CA ASN A 389 -14.06 22.94 20.11
C ASN A 389 -12.58 22.74 19.83
N SER A 390 -12.21 21.94 18.83
CA SER A 390 -10.82 21.72 18.47
C SER A 390 -10.55 22.23 17.06
N SER A 391 -9.29 22.10 16.66
CA SER A 391 -8.93 22.19 15.25
C SER A 391 -8.75 20.81 14.62
N GLU A 392 -8.43 19.80 15.43
CA GLU A 392 -8.33 18.44 14.93
C GLU A 392 -9.71 17.88 14.59
N ASP A 393 -10.72 18.20 15.42
CA ASP A 393 -12.09 17.81 15.07
C ASP A 393 -12.57 18.51 13.82
N TYR A 394 -11.96 19.64 13.46
CA TYR A 394 -12.37 20.36 12.26
C TYR A 394 -11.69 19.83 11.01
N VAL A 395 -10.36 19.68 11.06
CA VAL A 395 -9.61 19.43 9.83
C VAL A 395 -9.89 18.01 9.29
N HIS A 396 -10.17 17.05 10.16
CA HIS A 396 -10.38 15.70 9.65
C HIS A 396 -11.74 15.52 8.99
N ARG A 397 -12.72 16.35 9.34
CA ARG A 397 -13.97 16.37 8.57
C ARG A 397 -13.70 16.80 7.13
N ILE A 398 -12.95 17.90 6.95
CA ILE A 398 -12.59 18.36 5.62
C ILE A 398 -11.78 17.30 4.90
N GLY A 399 -10.91 16.59 5.64
CA GLY A 399 -10.15 15.52 5.03
C GLY A 399 -11.02 14.37 4.52
N ARG A 400 -11.92 13.88 5.38
CA ARG A 400 -12.85 12.84 4.97
C ARG A 400 -13.70 13.28 3.78
N THR A 401 -14.04 14.57 3.71
CA THR A 401 -14.82 15.07 2.59
C THR A 401 -13.99 15.21 1.33
N ALA A 402 -12.80 15.83 1.44
CA ALA A 402 -11.99 16.12 0.26
C ALA A 402 -11.22 14.91 -0.25
N ARG A 403 -11.14 13.84 0.53
CA ARG A 403 -10.49 12.63 0.03
C ARG A 403 -11.26 12.02 -1.14
N SER A 404 -12.56 12.28 -1.21
CA SER A 404 -13.35 11.91 -2.37
C SER A 404 -13.12 12.91 -3.51
N THR A 405 -13.58 12.55 -4.70
CA THR A 405 -13.48 13.43 -5.86
C THR A 405 -14.71 14.33 -5.89
N ASN A 406 -14.46 15.64 -5.78
CA ASN A 406 -15.53 16.61 -5.62
C ASN A 406 -14.99 17.98 -6.00
N LYS A 407 -15.90 18.93 -6.12
CA LYS A 407 -15.60 20.36 -6.05
C LYS A 407 -16.32 20.99 -4.86
N GLY A 408 -16.31 20.27 -3.73
CA GLY A 408 -17.08 20.68 -2.58
C GLY A 408 -16.61 21.99 -1.95
N THR A 409 -17.48 22.53 -1.11
CA THR A 409 -17.23 23.78 -0.41
C THR A 409 -17.61 23.58 1.05
N ALA A 410 -16.62 23.66 1.94
CA ALA A 410 -16.87 23.49 3.36
C ALA A 410 -17.17 24.84 3.99
N TYR A 411 -18.39 24.98 4.49
CA TYR A 411 -18.82 26.18 5.20
C TYR A 411 -18.74 25.93 6.71
N THR A 412 -18.26 26.92 7.44
CA THR A 412 -18.33 26.86 8.91
C THR A 412 -18.89 28.17 9.44
N PHE A 413 -19.72 28.05 10.48
CA PHE A 413 -20.31 29.19 11.16
C PHE A 413 -19.49 29.47 12.41
N PHE A 414 -18.62 30.47 12.34
CA PHE A 414 -17.83 30.90 13.48
C PHE A 414 -18.47 32.13 14.11
N THR A 415 -18.34 32.25 15.43
CA THR A 415 -18.83 33.45 16.09
C THR A 415 -17.74 33.99 17.01
N PRO A 416 -17.59 35.33 17.09
CA PRO A 416 -16.31 35.91 17.54
C PRO A 416 -15.99 35.77 19.02
N GLY A 417 -16.66 34.87 19.74
CA GLY A 417 -16.52 34.83 21.19
C GLY A 417 -15.08 34.54 21.63
N ASN A 418 -14.49 33.49 21.09
CA ASN A 418 -13.20 33.01 21.55
C ASN A 418 -12.09 33.46 20.60
N LEU A 419 -11.01 34.00 21.18
CA LEU A 419 -9.88 34.52 20.43
C LEU A 419 -8.87 33.42 20.08
N LYS A 420 -8.49 32.61 21.06
CA LYS A 420 -7.59 31.49 20.83
C LYS A 420 -8.17 30.52 19.80
N GLN A 421 -9.49 30.31 19.86
CA GLN A 421 -10.16 29.47 18.88
C GLN A 421 -9.99 30.02 17.47
N ALA A 422 -10.17 31.33 17.31
CA ALA A 422 -9.98 31.96 16.01
C ALA A 422 -8.53 31.86 15.56
N ARG A 423 -7.59 31.96 16.49
CA ARG A 423 -6.17 31.81 16.13
C ARG A 423 -5.89 30.41 15.60
N GLU A 424 -6.42 29.38 16.27
CA GLU A 424 -6.22 28.01 15.81
C GLU A 424 -6.87 27.80 14.45
N LEU A 425 -8.09 28.34 14.25
CA LEU A 425 -8.76 28.19 12.96
C LEU A 425 -7.98 28.89 11.86
N ILE A 426 -7.42 30.06 12.14
CA ILE A 426 -6.65 30.78 11.14
C ILE A 426 -5.36 30.03 10.82
N LYS A 427 -4.75 29.41 11.82
CA LYS A 427 -3.57 28.59 11.57
C LYS A 427 -3.89 27.42 10.64
N VAL A 428 -5.02 26.74 10.91
CA VAL A 428 -5.44 25.64 10.05
C VAL A 428 -5.68 26.13 8.62
N LEU A 429 -6.39 27.26 8.49
CA LEU A 429 -6.72 27.78 7.16
C LEU A 429 -5.48 28.20 6.40
N GLU A 430 -4.49 28.77 7.10
CA GLU A 430 -3.25 29.16 6.45
C GLU A 430 -2.44 27.95 6.02
N GLU A 431 -2.42 26.90 6.86
CA GLU A 431 -1.77 25.66 6.45
C GLU A 431 -2.48 24.99 5.29
N ALA A 432 -3.77 25.25 5.11
CA ALA A 432 -4.53 24.71 3.99
C ALA A 432 -4.52 25.61 2.76
N ASN A 433 -3.69 26.66 2.76
CA ASN A 433 -3.58 27.58 1.63
C ASN A 433 -4.94 28.20 1.27
N GLN A 434 -5.78 28.43 2.28
CA GLN A 434 -7.12 28.94 2.05
C GLN A 434 -7.13 30.46 2.03
N ALA A 435 -8.25 31.03 1.60
CA ALA A 435 -8.44 32.47 1.53
C ALA A 435 -9.28 32.89 2.74
N ILE A 436 -8.59 33.24 3.82
CA ILE A 436 -9.27 33.71 5.02
C ILE A 436 -9.96 35.04 4.73
N ASN A 437 -11.26 35.10 4.99
CA ASN A 437 -11.98 36.34 4.79
C ASN A 437 -11.47 37.41 5.76
N PRO A 438 -11.49 38.69 5.35
CA PRO A 438 -10.91 39.73 6.20
C PRO A 438 -11.57 39.85 7.56
N LYS A 439 -12.85 39.47 7.69
CA LYS A 439 -13.55 39.62 8.95
C LYS A 439 -13.09 38.61 10.01
N LEU A 440 -12.38 37.56 9.62
CA LEU A 440 -11.81 36.63 10.59
C LEU A 440 -10.39 37.04 10.98
N MET A 441 -9.62 37.57 10.04
CA MET A 441 -8.31 38.13 10.37
C MET A 441 -8.45 39.39 11.21
N GLN A 442 -9.57 40.11 11.07
CA GLN A 442 -9.81 41.31 11.86
C GLN A 442 -9.95 41.04 13.34
N LEU A 443 -10.07 39.77 13.75
CA LEU A 443 -10.34 39.46 15.15
C LEU A 443 -9.07 39.39 15.99
N VAL A 444 -7.94 39.01 15.39
CA VAL A 444 -6.64 39.09 16.04
C VAL A 444 -5.74 40.07 15.30
N ASP A 445 -6.32 41.00 14.54
CA ASP A 445 -5.50 42.01 13.86
C ASP A 445 -4.78 42.89 14.88
N HIS A 446 -5.50 43.32 15.92
CA HIS A 446 -4.92 44.14 16.97
C HIS A 446 -5.37 43.65 18.35
N LYS B 13 1.93 -49.94 13.58
CA LYS B 13 1.88 -48.53 13.21
C LYS B 13 2.12 -48.34 11.72
N TRP B 14 2.97 -47.37 11.37
CA TRP B 14 3.24 -47.02 9.98
C TRP B 14 4.57 -47.66 9.57
N ASP B 15 4.52 -48.52 8.55
CA ASP B 15 5.71 -49.06 7.91
C ASP B 15 5.69 -48.59 6.46
N LEU B 16 6.46 -47.54 6.16
CA LEU B 16 6.36 -46.87 4.87
C LEU B 16 6.85 -47.75 3.71
N SER B 17 7.58 -48.82 3.99
CA SER B 17 8.06 -49.68 2.91
C SER B 17 6.93 -50.49 2.29
N GLU B 18 5.91 -50.84 3.08
CA GLU B 18 4.77 -51.58 2.54
C GLU B 18 3.80 -50.68 1.78
N LEU B 19 3.90 -49.35 1.95
CA LEU B 19 3.06 -48.41 1.25
C LEU B 19 3.64 -48.08 -0.12
N PRO B 20 2.79 -47.72 -1.08
CA PRO B 20 3.30 -47.29 -2.39
C PRO B 20 4.15 -46.05 -2.27
N LYS B 21 5.20 -45.98 -3.07
CA LYS B 21 6.12 -44.84 -3.05
C LYS B 21 5.59 -43.73 -3.96
N PHE B 22 5.94 -42.50 -3.60
CA PHE B 22 5.47 -41.33 -4.33
C PHE B 22 6.53 -40.24 -4.24
N GLU B 23 6.39 -39.23 -5.09
CA GLU B 23 7.32 -38.11 -5.14
C GLU B 23 6.64 -36.83 -4.67
N LYS B 24 7.44 -35.89 -4.19
CA LYS B 24 6.93 -34.62 -3.69
C LYS B 24 7.66 -33.45 -4.31
N ASN B 25 8.95 -33.62 -4.60
CA ASN B 25 9.77 -32.55 -5.15
C ASN B 25 9.67 -32.59 -6.68
N PHE B 26 8.96 -31.62 -7.25
CA PHE B 26 8.83 -31.49 -8.70
C PHE B 26 9.32 -30.15 -9.22
N TYR B 27 9.81 -29.28 -8.36
CA TYR B 27 10.14 -27.91 -8.71
C TYR B 27 11.55 -27.82 -9.28
N VAL B 28 11.68 -27.12 -10.41
CA VAL B 28 12.99 -26.70 -10.93
C VAL B 28 12.91 -25.20 -11.17
N GLU B 29 13.91 -24.48 -10.68
CA GLU B 29 13.85 -23.01 -10.65
C GLU B 29 13.91 -22.46 -12.07
N HIS B 30 12.97 -21.57 -12.39
CA HIS B 30 13.00 -20.88 -13.66
C HIS B 30 14.22 -19.96 -13.71
N PRO B 31 14.88 -19.83 -14.88
CA PRO B 31 16.08 -18.99 -14.95
C PRO B 31 15.85 -17.55 -14.54
N GLU B 32 14.65 -17.01 -14.77
CA GLU B 32 14.35 -15.65 -14.31
C GLU B 32 14.34 -15.56 -12.79
N VAL B 33 14.05 -16.67 -12.11
CA VAL B 33 14.07 -16.67 -10.64
C VAL B 33 15.46 -17.00 -10.12
N ALA B 34 16.15 -17.95 -10.75
CA ALA B 34 17.49 -18.31 -10.28
C ALA B 34 18.47 -17.15 -10.43
N ARG B 35 18.25 -16.27 -11.41
CA ARG B 35 19.15 -15.15 -11.63
C ARG B 35 19.02 -14.08 -10.55
N LEU B 36 17.93 -14.09 -9.78
CA LEU B 36 17.71 -13.05 -8.78
C LEU B 36 18.81 -13.06 -7.73
N THR B 37 19.31 -11.89 -7.39
CA THR B 37 20.31 -11.71 -6.35
C THR B 37 19.62 -11.53 -4.99
N PRO B 38 20.38 -11.62 -3.89
CA PRO B 38 19.76 -11.37 -2.57
C PRO B 38 19.03 -10.04 -2.48
N TYR B 39 19.58 -8.97 -3.06
CA TYR B 39 18.90 -7.68 -3.04
C TYR B 39 17.58 -7.74 -3.80
N GLU B 40 17.57 -8.42 -4.95
CA GLU B 40 16.34 -8.52 -5.74
C GLU B 40 15.29 -9.33 -5.01
N VAL B 41 15.69 -10.44 -4.39
CA VAL B 41 14.74 -11.25 -3.62
C VAL B 41 14.20 -10.45 -2.45
N ASP B 42 15.05 -9.67 -1.79
CA ASP B 42 14.60 -8.85 -0.67
C ASP B 42 13.61 -7.78 -1.13
N GLU B 43 13.88 -7.15 -2.28
CA GLU B 43 12.95 -6.17 -2.84
C GLU B 43 11.60 -6.80 -3.14
N LEU B 44 11.62 -7.97 -3.78
CA LEU B 44 10.38 -8.67 -4.10
C LEU B 44 9.59 -8.97 -2.83
N ARG B 45 10.27 -9.53 -1.82
CA ARG B 45 9.58 -9.87 -0.58
C ARG B 45 9.05 -8.62 0.12
N ARG B 46 9.78 -7.51 0.07
CA ARG B 46 9.37 -6.31 0.79
C ARG B 46 8.16 -5.66 0.13
N LYS B 47 8.17 -5.56 -1.20
CA LYS B 47 7.03 -4.95 -1.87
C LYS B 47 5.82 -5.88 -1.94
N LYS B 48 6.03 -7.20 -1.87
CA LYS B 48 4.93 -8.13 -1.76
C LYS B 48 4.57 -8.45 -0.31
N GLU B 49 5.27 -7.85 0.65
CA GLU B 49 4.99 -8.04 2.08
C GLU B 49 5.08 -9.51 2.48
N ILE B 50 6.14 -10.18 2.02
CA ILE B 50 6.38 -11.58 2.31
C ILE B 50 7.47 -11.68 3.37
N THR B 51 7.20 -12.47 4.42
CA THR B 51 8.15 -12.67 5.50
C THR B 51 8.35 -14.16 5.72
N VAL B 52 9.61 -14.57 5.89
CA VAL B 52 9.98 -15.95 6.13
C VAL B 52 10.55 -16.04 7.55
N ARG B 53 10.09 -17.02 8.31
CA ARG B 53 10.54 -17.17 9.69
C ARG B 53 11.96 -17.71 9.74
N GLY B 54 12.77 -17.15 10.64
CA GLY B 54 14.11 -17.68 10.85
C GLY B 54 15.00 -17.44 9.64
N GLY B 55 15.87 -18.41 9.38
CA GLY B 55 15.98 -19.60 10.19
C GLY B 55 15.44 -20.85 9.52
N ASP B 56 14.53 -20.65 8.56
CA ASP B 56 13.93 -21.74 7.82
C ASP B 56 14.44 -21.74 6.39
N VAL B 57 14.59 -22.94 5.83
CA VAL B 57 14.97 -23.06 4.42
C VAL B 57 13.78 -22.67 3.55
N CYS B 58 14.02 -21.78 2.59
CA CYS B 58 12.95 -21.29 1.76
C CYS B 58 13.50 -20.87 0.40
N PRO B 59 12.95 -21.38 -0.69
CA PRO B 59 13.46 -21.00 -2.02
C PRO B 59 13.06 -19.57 -2.37
N LYS B 60 13.70 -19.06 -3.42
CA LYS B 60 13.40 -17.72 -3.88
C LYS B 60 11.98 -17.67 -4.44
N PRO B 61 11.20 -16.64 -4.13
CA PRO B 61 9.83 -16.57 -4.63
C PRO B 61 9.80 -16.27 -6.13
N VAL B 62 8.71 -16.69 -6.76
CA VAL B 62 8.49 -16.40 -8.17
C VAL B 62 7.78 -15.06 -8.27
N PHE B 63 7.61 -14.56 -9.50
CA PHE B 63 6.81 -13.36 -9.71
C PHE B 63 6.03 -13.42 -11.02
N ALA B 64 5.96 -14.59 -11.65
CA ALA B 64 5.12 -14.82 -12.82
C ALA B 64 4.66 -16.26 -12.79
N PHE B 65 3.51 -16.53 -13.42
CA PHE B 65 2.95 -17.87 -13.38
C PHE B 65 3.83 -18.86 -14.12
N HIS B 66 4.35 -18.46 -15.29
CA HIS B 66 5.21 -19.36 -16.06
C HIS B 66 6.50 -19.72 -15.33
N HIS B 67 6.84 -19.02 -14.25
CA HIS B 67 7.99 -19.40 -13.44
C HIS B 67 7.77 -20.73 -12.73
N ALA B 68 6.52 -21.15 -12.54
CA ALA B 68 6.22 -22.41 -11.88
C ALA B 68 6.23 -23.60 -12.84
N ASN B 69 6.23 -23.35 -14.15
CA ASN B 69 6.20 -24.41 -15.17
C ASN B 69 5.00 -25.34 -14.96
N PHE B 70 3.83 -24.74 -14.79
CA PHE B 70 2.60 -25.51 -14.66
C PHE B 70 2.26 -26.16 -16.00
N PRO B 71 1.41 -27.20 -15.98
CA PRO B 71 0.94 -27.78 -17.24
C PRO B 71 0.21 -26.74 -18.08
N GLN B 72 0.10 -27.03 -19.38
CA GLN B 72 -0.40 -26.03 -20.32
C GLN B 72 -1.86 -25.68 -20.05
N TYR B 73 -2.68 -26.65 -19.65
CA TYR B 73 -4.08 -26.37 -19.41
C TYR B 73 -4.28 -25.49 -18.18
N VAL B 74 -3.44 -25.65 -17.17
CA VAL B 74 -3.49 -24.76 -16.00
C VAL B 74 -3.23 -23.33 -16.43
N MET B 75 -2.21 -23.13 -17.27
CA MET B 75 -1.92 -21.80 -17.80
C MET B 75 -3.07 -21.28 -18.65
N ASP B 76 -3.71 -22.17 -19.40
CA ASP B 76 -4.86 -21.77 -20.23
C ASP B 76 -5.98 -21.22 -19.35
N VAL B 77 -6.31 -21.93 -18.27
CA VAL B 77 -7.35 -21.46 -17.36
C VAL B 77 -6.93 -20.14 -16.72
N LEU B 78 -5.68 -20.06 -16.23
CA LEU B 78 -5.22 -18.85 -15.56
C LEU B 78 -5.30 -17.63 -16.46
N MET B 79 -4.86 -17.78 -17.71
CA MET B 79 -4.92 -16.66 -18.64
C MET B 79 -6.35 -16.38 -19.10
N ASP B 80 -7.22 -17.40 -19.08
CA ASP B 80 -8.63 -17.17 -19.37
C ASP B 80 -9.27 -16.31 -18.28
N GLN B 81 -8.80 -16.44 -17.04
CA GLN B 81 -9.33 -15.64 -15.94
C GLN B 81 -8.68 -14.27 -15.83
N HIS B 82 -7.81 -13.90 -16.77
CA HIS B 82 -7.23 -12.55 -16.85
C HIS B 82 -6.41 -12.21 -15.61
N PHE B 83 -5.73 -13.21 -15.05
CA PHE B 83 -4.86 -12.96 -13.90
C PHE B 83 -3.60 -12.22 -14.35
N THR B 84 -3.36 -11.04 -13.76
CA THR B 84 -2.24 -10.21 -14.17
C THR B 84 -0.94 -10.59 -13.47
N GLU B 85 -1.02 -11.09 -12.23
CA GLU B 85 0.18 -11.45 -11.48
C GLU B 85 -0.23 -12.43 -10.39
N PRO B 86 0.67 -13.31 -9.97
CA PRO B 86 0.37 -14.15 -8.81
C PRO B 86 0.38 -13.32 -7.53
N THR B 87 -0.51 -13.66 -6.61
CA THR B 87 -0.56 -12.97 -5.33
C THR B 87 0.71 -13.26 -4.53
N PRO B 88 1.04 -12.39 -3.56
CA PRO B 88 2.23 -12.65 -2.73
C PRO B 88 2.27 -14.05 -2.14
N ILE B 89 1.17 -14.49 -1.53
CA ILE B 89 1.15 -15.82 -0.94
C ILE B 89 1.38 -16.88 -2.02
N GLN B 90 0.86 -16.64 -3.23
CA GLN B 90 1.12 -17.56 -4.33
C GLN B 90 2.58 -17.52 -4.74
N CYS B 91 3.14 -16.31 -4.90
CA CYS B 91 4.53 -16.20 -5.33
C CYS B 91 5.48 -16.91 -4.38
N GLN B 92 5.22 -16.88 -3.07
CA GLN B 92 6.13 -17.55 -2.15
C GLN B 92 5.74 -18.99 -1.86
N GLY B 93 4.47 -19.37 -2.04
CA GLY B 93 4.03 -20.71 -1.72
C GLY B 93 4.19 -21.70 -2.86
N PHE B 94 4.03 -21.23 -4.10
CA PHE B 94 4.27 -22.08 -5.26
C PHE B 94 5.61 -22.81 -5.19
N PRO B 95 6.76 -22.15 -4.97
CA PRO B 95 8.01 -22.91 -4.89
C PRO B 95 8.06 -23.84 -3.69
N LEU B 96 7.56 -23.40 -2.54
CA LEU B 96 7.56 -24.23 -1.34
C LEU B 96 6.76 -25.51 -1.57
N ALA B 97 5.51 -25.37 -2.03
CA ALA B 97 4.65 -26.53 -2.20
C ALA B 97 5.14 -27.41 -3.35
N LEU B 98 5.57 -26.79 -4.46
CA LEU B 98 6.06 -27.56 -5.59
C LEU B 98 7.38 -28.25 -5.31
N SER B 99 8.11 -27.83 -4.27
CA SER B 99 9.34 -28.49 -3.87
C SER B 99 9.11 -29.65 -2.91
N GLY B 100 7.87 -29.89 -2.51
CA GLY B 100 7.58 -30.99 -1.61
C GLY B 100 7.76 -30.68 -0.14
N ARG B 101 7.66 -29.42 0.26
CA ARG B 101 7.89 -29.01 1.63
C ARG B 101 6.57 -28.83 2.37
N ASP B 102 6.50 -29.32 3.60
CA ASP B 102 5.43 -28.93 4.51
C ASP B 102 5.57 -27.44 4.82
N MET B 103 4.45 -26.76 4.98
CA MET B 103 4.56 -25.31 5.16
C MET B 103 3.38 -24.76 5.94
N VAL B 104 3.60 -23.58 6.53
CA VAL B 104 2.57 -22.80 7.20
C VAL B 104 2.46 -21.46 6.48
N GLY B 105 1.24 -21.04 6.19
CA GLY B 105 0.99 -19.75 5.57
C GLY B 105 0.04 -18.90 6.39
N ILE B 106 0.54 -17.78 6.90
CA ILE B 106 -0.26 -16.83 7.66
C ILE B 106 -0.66 -15.72 6.70
N ALA B 107 -1.90 -15.76 6.24
CA ALA B 107 -2.44 -14.77 5.32
C ALA B 107 -3.94 -14.65 5.54
N GLN B 108 -4.44 -13.43 5.37
CA GLN B 108 -5.87 -13.19 5.50
C GLN B 108 -6.64 -13.87 4.37
N THR B 109 -7.97 -13.84 4.47
CA THR B 109 -8.81 -14.35 3.40
C THR B 109 -8.88 -13.32 2.28
N GLY B 110 -8.94 -13.81 1.05
CA GLY B 110 -8.66 -12.99 -0.11
C GLY B 110 -7.21 -13.03 -0.53
N SER B 111 -6.37 -13.81 0.16
CA SER B 111 -4.95 -13.89 -0.16
C SER B 111 -4.71 -14.55 -1.52
N GLY B 112 -5.59 -15.45 -1.95
CA GLY B 112 -5.30 -16.31 -3.06
C GLY B 112 -4.58 -17.58 -2.67
N LYS B 113 -4.67 -17.98 -1.40
CA LYS B 113 -4.01 -19.21 -0.95
C LYS B 113 -4.62 -20.46 -1.57
N THR B 114 -5.88 -20.39 -1.98
CA THR B 114 -6.55 -21.55 -2.59
C THR B 114 -5.76 -22.06 -3.79
N LEU B 115 -5.45 -21.17 -4.73
CA LEU B 115 -4.61 -21.56 -5.86
C LEU B 115 -3.23 -22.00 -5.38
N ALA B 116 -2.70 -21.33 -4.37
CA ALA B 116 -1.35 -21.60 -3.89
C ALA B 116 -1.20 -23.03 -3.39
N TYR B 117 -2.27 -23.64 -2.88
CA TYR B 117 -2.20 -25.05 -2.52
C TYR B 117 -2.94 -25.98 -3.47
N LEU B 118 -3.68 -25.44 -4.45
CA LEU B 118 -4.40 -26.29 -5.39
C LEU B 118 -3.59 -26.62 -6.63
N LEU B 119 -2.88 -25.63 -7.19
CA LEU B 119 -2.08 -25.92 -8.39
C LEU B 119 -0.92 -26.85 -8.08
N PRO B 120 -0.14 -26.66 -7.00
CA PRO B 120 0.82 -27.70 -6.63
C PRO B 120 0.17 -29.03 -6.35
N ALA B 121 -1.07 -29.03 -5.85
CA ALA B 121 -1.79 -30.29 -5.66
C ALA B 121 -2.05 -30.97 -7.00
N ILE B 122 -2.40 -30.20 -8.03
CA ILE B 122 -2.63 -30.78 -9.34
C ILE B 122 -1.34 -31.34 -9.91
N VAL B 123 -0.22 -30.61 -9.75
CA VAL B 123 1.07 -31.13 -10.21
C VAL B 123 1.42 -32.42 -9.47
N HIS B 124 1.17 -32.45 -8.16
CA HIS B 124 1.42 -33.64 -7.35
C HIS B 124 0.60 -34.83 -7.84
N ILE B 125 -0.69 -34.60 -8.14
CA ILE B 125 -1.57 -35.69 -8.55
C ILE B 125 -1.18 -36.20 -9.93
N ASN B 126 -0.83 -35.29 -10.85
CA ASN B 126 -0.53 -35.69 -12.22
C ASN B 126 0.71 -36.56 -12.33
N HIS B 127 1.55 -36.62 -11.29
CA HIS B 127 2.74 -37.44 -11.29
C HIS B 127 2.55 -38.75 -10.55
N GLN B 128 1.30 -39.15 -10.32
CA GLN B 128 0.94 -40.40 -9.66
C GLN B 128 0.10 -41.25 -10.61
N PRO B 129 0.07 -42.56 -10.40
CA PRO B 129 -0.80 -43.41 -11.22
C PRO B 129 -2.26 -43.04 -11.06
N TYR B 130 -3.05 -43.41 -12.08
CA TYR B 130 -4.45 -43.04 -12.11
C TYR B 130 -5.23 -43.70 -10.98
N LEU B 131 -6.25 -43.00 -10.50
CA LEU B 131 -7.14 -43.56 -9.48
C LEU B 131 -7.88 -44.76 -10.05
N GLU B 132 -7.80 -45.88 -9.35
CA GLU B 132 -8.57 -47.06 -9.73
C GLU B 132 -9.89 -47.06 -8.96
N ARG B 133 -10.71 -48.10 -9.21
CA ARG B 133 -12.12 -48.06 -8.84
C ARG B 133 -12.31 -47.81 -7.34
N GLY B 134 -11.60 -48.54 -6.49
CA GLY B 134 -11.76 -48.34 -5.07
C GLY B 134 -10.94 -47.22 -4.46
N ASP B 135 -10.13 -46.53 -5.26
CA ASP B 135 -9.15 -45.60 -4.73
C ASP B 135 -9.83 -44.39 -4.10
N GLY B 136 -9.22 -43.90 -3.02
CA GLY B 136 -9.67 -42.68 -2.36
C GLY B 136 -8.94 -41.47 -2.88
N PRO B 137 -9.16 -40.32 -2.25
CA PRO B 137 -8.56 -39.07 -2.75
C PRO B 137 -7.05 -39.04 -2.53
N ILE B 138 -6.34 -38.45 -3.50
CA ILE B 138 -4.92 -38.22 -3.33
C ILE B 138 -4.68 -36.94 -2.54
N CYS B 139 -5.49 -35.92 -2.78
CA CYS B 139 -5.40 -34.64 -2.06
C CYS B 139 -6.64 -34.46 -1.19
N LEU B 140 -6.42 -34.23 0.10
CA LEU B 140 -7.49 -33.98 1.06
C LEU B 140 -7.33 -32.58 1.62
N VAL B 141 -8.39 -31.77 1.48
CA VAL B 141 -8.42 -30.40 1.98
C VAL B 141 -9.48 -30.32 3.06
N LEU B 142 -9.05 -30.07 4.31
CA LEU B 142 -9.97 -29.93 5.43
C LEU B 142 -10.34 -28.47 5.60
N ALA B 143 -11.65 -28.20 5.69
CA ALA B 143 -12.17 -26.85 5.80
C ALA B 143 -13.13 -26.75 6.98
N PRO B 144 -13.25 -25.56 7.58
CA PRO B 144 -14.13 -25.45 8.76
C PRO B 144 -15.60 -25.45 8.40
N THR B 145 -15.99 -24.79 7.30
CA THR B 145 -17.39 -24.51 7.01
C THR B 145 -17.75 -24.99 5.62
N ARG B 146 -19.06 -25.01 5.35
CA ARG B 146 -19.54 -25.34 4.02
C ARG B 146 -19.15 -24.27 3.01
N GLU B 147 -19.11 -23.00 3.44
CA GLU B 147 -18.82 -21.90 2.53
C GLU B 147 -17.42 -22.02 1.95
N LEU B 148 -16.42 -22.19 2.81
CA LEU B 148 -15.04 -22.29 2.33
C LEU B 148 -14.85 -23.54 1.47
N ALA B 149 -15.43 -24.67 1.89
CA ALA B 149 -15.34 -25.89 1.10
C ALA B 149 -15.91 -25.68 -0.29
N GLN B 150 -17.07 -25.03 -0.39
CA GLN B 150 -17.69 -24.79 -1.69
C GLN B 150 -16.88 -23.82 -2.53
N GLN B 151 -16.25 -22.82 -1.89
CA GLN B 151 -15.39 -21.89 -2.64
C GLN B 151 -14.19 -22.62 -3.22
N VAL B 152 -13.54 -23.47 -2.42
CA VAL B 152 -12.41 -24.24 -2.91
C VAL B 152 -12.85 -25.18 -4.02
N GLN B 153 -14.06 -25.75 -3.89
CA GLN B 153 -14.59 -26.60 -4.95
C GLN B 153 -14.80 -25.81 -6.23
N GLN B 154 -15.32 -24.58 -6.13
CA GLN B 154 -15.50 -23.75 -7.31
C GLN B 154 -14.17 -23.44 -7.97
N VAL B 155 -13.12 -23.21 -7.16
CA VAL B 155 -11.81 -22.96 -7.73
C VAL B 155 -11.28 -24.19 -8.45
N ALA B 156 -11.40 -25.36 -7.82
CA ALA B 156 -10.89 -26.59 -8.43
C ALA B 156 -11.69 -27.02 -9.66
N ASP B 157 -12.96 -26.61 -9.76
CA ASP B 157 -13.80 -27.01 -10.89
C ASP B 157 -13.34 -26.38 -12.20
N ASP B 158 -12.67 -25.23 -12.15
CA ASP B 158 -12.20 -24.61 -13.39
C ASP B 158 -11.09 -25.43 -14.03
N TYR B 159 -10.34 -26.19 -13.24
CA TYR B 159 -9.28 -27.04 -13.76
C TYR B 159 -9.70 -28.49 -13.89
N GLY B 160 -10.79 -28.89 -13.21
CA GLY B 160 -11.26 -30.26 -13.34
C GLY B 160 -11.63 -30.65 -14.75
N LYS B 161 -12.06 -29.68 -15.57
CA LYS B 161 -12.48 -29.99 -16.94
C LYS B 161 -11.27 -30.20 -17.85
N CYS B 162 -10.28 -29.30 -17.78
CA CYS B 162 -9.11 -29.42 -18.63
C CYS B 162 -8.18 -30.54 -18.17
N SER B 163 -8.18 -30.84 -16.87
CA SER B 163 -7.35 -31.92 -16.34
C SER B 163 -8.05 -33.27 -16.37
N ARG B 164 -9.37 -33.29 -16.56
CA ARG B 164 -10.19 -34.49 -16.36
C ARG B 164 -9.93 -35.10 -14.98
N LEU B 165 -9.58 -34.25 -14.01
CA LEU B 165 -9.49 -34.65 -12.63
C LEU B 165 -10.85 -34.45 -11.96
N LYS B 166 -11.14 -35.29 -10.97
CA LYS B 166 -12.39 -35.23 -10.25
C LYS B 166 -12.14 -34.70 -8.84
N SER B 167 -12.85 -33.64 -8.49
CA SER B 167 -12.85 -33.10 -7.14
C SER B 167 -14.27 -33.09 -6.61
N THR B 168 -14.40 -33.23 -5.29
CA THR B 168 -15.72 -33.22 -4.68
C THR B 168 -15.70 -32.41 -3.40
N CYS B 169 -16.90 -32.04 -2.97
CA CYS B 169 -17.13 -31.16 -1.83
C CYS B 169 -18.15 -31.81 -0.92
N ILE B 170 -17.74 -32.14 0.31
CA ILE B 170 -18.64 -32.74 1.28
C ILE B 170 -18.65 -31.87 2.54
N TYR B 171 -19.82 -31.77 3.17
CA TYR B 171 -20.03 -30.88 4.29
C TYR B 171 -21.36 -31.24 4.94
N GLY B 172 -21.56 -30.73 6.16
CA GLY B 172 -22.84 -30.89 6.82
C GLY B 172 -23.89 -29.92 6.28
N GLY B 173 -25.14 -30.26 6.52
CA GLY B 173 -26.24 -29.45 6.04
C GLY B 173 -26.69 -29.74 4.63
N ALA B 174 -26.41 -30.95 4.11
CA ALA B 174 -26.78 -31.33 2.77
C ALA B 174 -26.99 -32.84 2.75
N PRO B 175 -27.82 -33.35 1.84
CA PRO B 175 -28.03 -34.80 1.78
C PRO B 175 -26.73 -35.55 1.52
N LYS B 176 -26.57 -36.67 2.20
CA LYS B 176 -25.33 -37.44 2.09
C LYS B 176 -25.22 -38.15 0.74
N GLY B 177 -26.34 -38.53 0.16
CA GLY B 177 -26.39 -39.33 -1.06
C GLY B 177 -25.49 -38.87 -2.20
N PRO B 178 -25.66 -37.61 -2.65
CA PRO B 178 -24.81 -37.12 -3.75
C PRO B 178 -23.33 -37.14 -3.41
N GLN B 179 -22.96 -36.78 -2.17
CA GLN B 179 -21.56 -36.81 -1.77
C GLN B 179 -21.02 -38.24 -1.74
N ILE B 180 -21.84 -39.19 -1.27
CA ILE B 180 -21.43 -40.59 -1.26
C ILE B 180 -21.22 -41.09 -2.68
N ARG B 181 -22.11 -40.70 -3.59
CA ARG B 181 -21.98 -41.13 -4.98
C ARG B 181 -20.73 -40.55 -5.62
N ASP B 182 -20.44 -39.27 -5.33
CA ASP B 182 -19.20 -38.67 -5.81
C ASP B 182 -17.98 -39.41 -5.28
N LEU B 183 -17.98 -39.74 -3.98
CA LEU B 183 -16.83 -40.40 -3.38
C LEU B 183 -16.64 -41.80 -3.94
N GLU B 184 -17.73 -42.54 -4.13
CA GLU B 184 -17.62 -43.89 -4.64
C GLU B 184 -17.29 -43.91 -6.13
N ARG B 185 -17.63 -42.84 -6.86
CA ARG B 185 -17.16 -42.72 -8.24
C ARG B 185 -15.68 -42.41 -8.31
N GLY B 186 -15.09 -41.86 -7.26
CA GLY B 186 -13.67 -41.59 -7.23
C GLY B 186 -13.31 -40.15 -7.54
N VAL B 187 -12.65 -39.49 -6.59
CA VAL B 187 -12.20 -38.11 -6.76
C VAL B 187 -10.73 -38.03 -6.35
N GLU B 188 -9.95 -37.26 -7.11
CA GLU B 188 -8.55 -37.04 -6.76
C GLU B 188 -8.41 -36.01 -5.65
N ILE B 189 -9.33 -35.06 -5.58
CA ILE B 189 -9.32 -34.00 -4.57
C ILE B 189 -10.64 -34.04 -3.82
N CYS B 190 -10.57 -34.09 -2.49
CA CYS B 190 -11.76 -34.11 -1.65
C CYS B 190 -11.67 -32.96 -0.66
N ILE B 191 -12.66 -32.08 -0.67
CA ILE B 191 -12.72 -30.94 0.23
C ILE B 191 -13.82 -31.20 1.25
N ALA B 192 -13.43 -31.34 2.51
CA ALA B 192 -14.30 -31.90 3.54
C ALA B 192 -14.28 -31.06 4.81
N THR B 193 -15.44 -30.97 5.46
CA THR B 193 -15.51 -30.60 6.86
C THR B 193 -15.28 -31.84 7.72
N PRO B 194 -14.71 -31.68 8.92
CA PRO B 194 -14.25 -32.87 9.66
C PRO B 194 -15.33 -33.88 10.00
N GLY B 195 -16.48 -33.44 10.50
CA GLY B 195 -17.49 -34.37 10.97
C GLY B 195 -18.09 -35.22 9.86
N ARG B 196 -18.43 -34.59 8.73
CA ARG B 196 -18.99 -35.34 7.61
C ARG B 196 -17.96 -36.34 7.06
N LEU B 197 -16.69 -35.94 7.02
CA LEU B 197 -15.65 -36.83 6.55
C LEU B 197 -15.48 -38.02 7.50
N ILE B 198 -15.58 -37.78 8.80
CA ILE B 198 -15.47 -38.88 9.76
C ILE B 198 -16.65 -39.84 9.60
N ASP B 199 -17.85 -39.29 9.42
CA ASP B 199 -19.02 -40.14 9.18
C ASP B 199 -18.84 -40.99 7.93
N PHE B 200 -18.27 -40.41 6.87
CA PHE B 200 -18.09 -41.18 5.64
C PHE B 200 -16.96 -42.19 5.76
N LEU B 201 -15.92 -41.88 6.53
CA LEU B 201 -14.81 -42.82 6.71
C LEU B 201 -15.24 -44.01 7.55
N GLU B 202 -16.01 -43.78 8.62
CA GLU B 202 -16.42 -44.86 9.49
C GLU B 202 -17.36 -45.83 8.79
N SER B 203 -18.10 -45.36 7.79
CA SER B 203 -19.03 -46.20 7.04
C SER B 203 -18.42 -46.81 5.78
N GLY B 204 -17.15 -46.53 5.50
CA GLY B 204 -16.50 -47.11 4.35
C GLY B 204 -16.84 -46.47 3.02
N LYS B 205 -17.36 -45.24 3.03
CA LYS B 205 -17.68 -44.56 1.77
C LYS B 205 -16.42 -44.07 1.07
N THR B 206 -15.39 -43.72 1.84
CA THR B 206 -14.11 -43.32 1.28
C THR B 206 -13.02 -43.75 2.25
N ASN B 207 -11.77 -43.66 1.80
CA ASN B 207 -10.63 -44.03 2.61
C ASN B 207 -9.48 -43.07 2.34
N LEU B 208 -8.41 -43.21 3.12
CA LEU B 208 -7.25 -42.31 3.04
C LEU B 208 -5.96 -43.06 2.74
N ARG B 209 -6.05 -44.28 2.19
CA ARG B 209 -4.85 -45.04 1.87
C ARG B 209 -4.04 -44.40 0.74
N ARG B 210 -4.67 -43.54 -0.06
CA ARG B 210 -4.04 -42.92 -1.22
C ARG B 210 -3.61 -41.48 -0.96
N CYS B 211 -4.05 -40.87 0.13
CA CYS B 211 -3.78 -39.46 0.38
C CYS B 211 -2.29 -39.24 0.66
N THR B 212 -1.65 -38.42 -0.18
CA THR B 212 -0.27 -38.01 0.03
C THR B 212 -0.13 -36.50 0.13
N TYR B 213 -1.23 -35.75 0.07
CA TYR B 213 -1.20 -34.29 0.00
C TYR B 213 -2.33 -33.78 0.89
N LEU B 214 -1.98 -33.27 2.06
CA LEU B 214 -2.95 -32.83 3.06
C LEU B 214 -2.89 -31.32 3.21
N VAL B 215 -4.04 -30.66 3.17
CA VAL B 215 -4.16 -29.22 3.34
C VAL B 215 -5.14 -28.95 4.47
N LEU B 216 -4.75 -28.05 5.38
CA LEU B 216 -5.59 -27.63 6.50
C LEU B 216 -5.85 -26.13 6.33
N ASP B 217 -7.00 -25.80 5.74
CA ASP B 217 -7.35 -24.41 5.44
C ASP B 217 -8.09 -23.79 6.62
N GLU B 218 -7.67 -22.61 7.02
CA GLU B 218 -8.24 -21.90 8.17
C GLU B 218 -8.20 -22.76 9.42
N ALA B 219 -6.99 -23.17 9.79
CA ALA B 219 -6.81 -24.05 10.95
C ALA B 219 -7.23 -23.36 12.24
N ASP B 220 -6.98 -22.05 12.33
CA ASP B 220 -7.37 -21.31 13.53
C ASP B 220 -8.88 -21.37 13.74
N ARG B 221 -9.66 -21.20 12.66
CA ARG B 221 -11.11 -21.29 12.78
C ARG B 221 -11.54 -22.69 13.19
N MET B 222 -10.93 -23.72 12.61
CA MET B 222 -11.27 -25.08 12.97
C MET B 222 -10.97 -25.37 14.45
N LEU B 223 -9.91 -24.77 14.98
CA LEU B 223 -9.62 -24.93 16.41
C LEU B 223 -10.61 -24.15 17.26
N ASP B 224 -10.99 -22.95 16.81
CA ASP B 224 -11.94 -22.13 17.56
C ASP B 224 -13.31 -22.80 17.66
N MET B 225 -13.69 -23.55 16.63
CA MET B 225 -14.97 -24.24 16.62
C MET B 225 -14.95 -25.54 17.43
N GLY B 226 -13.77 -25.97 17.88
CA GLY B 226 -13.67 -27.19 18.66
C GLY B 226 -13.52 -28.45 17.83
N PHE B 227 -12.94 -28.35 16.64
CA PHE B 227 -12.82 -29.48 15.73
C PHE B 227 -11.47 -30.19 15.84
N GLU B 228 -10.64 -29.84 16.83
CA GLU B 228 -9.29 -30.39 16.88
C GLU B 228 -9.26 -31.89 17.10
N PRO B 229 -10.02 -32.48 18.05
CA PRO B 229 -9.99 -33.94 18.17
C PRO B 229 -10.40 -34.66 16.89
N GLN B 230 -11.37 -34.13 16.16
CA GLN B 230 -11.77 -34.74 14.90
C GLN B 230 -10.66 -34.61 13.86
N ILE B 231 -9.98 -33.46 13.82
CA ILE B 231 -8.85 -33.29 12.90
C ILE B 231 -7.75 -34.31 13.19
N ARG B 232 -7.44 -34.52 14.47
CA ARG B 232 -6.41 -35.49 14.83
C ARG B 232 -6.86 -36.91 14.48
N LYS B 233 -8.11 -37.24 14.78
CA LYS B 233 -8.63 -38.57 14.42
C LYS B 233 -8.58 -38.80 12.92
N ILE B 234 -8.78 -37.75 12.13
CA ILE B 234 -8.70 -37.89 10.67
C ILE B 234 -7.25 -38.09 10.24
N VAL B 235 -6.37 -37.16 10.60
CA VAL B 235 -5.02 -37.16 10.03
C VAL B 235 -4.09 -38.17 10.68
N ASP B 236 -4.52 -38.85 11.74
CA ASP B 236 -3.75 -39.98 12.22
C ASP B 236 -3.88 -41.21 11.33
N GLN B 237 -4.85 -41.20 10.41
CA GLN B 237 -5.02 -42.27 9.43
C GLN B 237 -4.29 -41.98 8.12
N ILE B 238 -3.63 -40.83 8.01
CA ILE B 238 -2.86 -40.47 6.83
C ILE B 238 -1.39 -40.77 7.09
N ARG B 239 -0.69 -41.23 6.04
CA ARG B 239 0.68 -41.66 6.22
C ARG B 239 1.56 -40.49 6.64
N PRO B 240 2.56 -40.72 7.50
CA PRO B 240 3.35 -39.60 8.02
C PRO B 240 4.29 -38.97 7.01
N ASP B 241 4.72 -39.69 5.99
CA ASP B 241 5.60 -39.13 4.96
C ASP B 241 4.84 -38.26 3.96
N ARG B 242 3.60 -37.90 4.28
CA ARG B 242 2.81 -37.02 3.44
C ARG B 242 3.43 -35.63 3.37
N GLN B 243 2.96 -34.84 2.39
CA GLN B 243 3.22 -33.41 2.35
C GLN B 243 2.02 -32.71 2.96
N THR B 244 2.29 -31.73 3.83
CA THR B 244 1.25 -31.08 4.60
C THR B 244 1.41 -29.57 4.53
N LEU B 245 0.30 -28.90 4.21
CA LEU B 245 0.22 -27.46 4.13
C LEU B 245 -0.84 -26.99 5.11
N MET B 246 -0.51 -25.97 5.89
CA MET B 246 -1.45 -25.37 6.85
C MET B 246 -1.61 -23.90 6.52
N TRP B 247 -2.83 -23.40 6.62
CA TRP B 247 -3.13 -22.01 6.32
C TRP B 247 -3.95 -21.43 7.45
N SER B 248 -3.58 -20.23 7.91
CA SER B 248 -4.27 -19.61 9.03
C SER B 248 -4.10 -18.10 8.93
N ALA B 249 -5.07 -17.37 9.49
CA ALA B 249 -4.97 -15.92 9.56
C ALA B 249 -4.26 -15.45 10.82
N THR B 250 -4.22 -16.28 11.86
CA THR B 250 -3.53 -15.97 13.10
C THR B 250 -2.48 -17.03 13.38
N TRP B 251 -1.61 -16.74 14.35
CA TRP B 251 -0.52 -17.64 14.74
C TRP B 251 -0.46 -17.76 16.26
N PRO B 252 -1.51 -18.25 16.90
CA PRO B 252 -1.49 -18.40 18.36
C PRO B 252 -0.84 -19.72 18.75
N LYS B 253 -0.80 -19.96 20.07
CA LYS B 253 -0.04 -21.10 20.59
C LYS B 253 -0.64 -22.44 20.15
N GLU B 254 -1.98 -22.53 20.11
CA GLU B 254 -2.61 -23.79 19.73
C GLU B 254 -2.35 -24.12 18.27
N VAL B 255 -2.34 -23.11 17.40
CA VAL B 255 -2.04 -23.34 16.00
C VAL B 255 -0.58 -23.74 15.82
N ARG B 256 0.32 -23.14 16.62
CA ARG B 256 1.72 -23.55 16.58
C ARG B 256 1.88 -25.00 17.03
N GLN B 257 1.14 -25.41 18.05
CA GLN B 257 1.21 -26.80 18.50
C GLN B 257 0.65 -27.74 17.45
N LEU B 258 -0.45 -27.34 16.79
CA LEU B 258 -0.99 -28.14 15.69
C LEU B 258 0.02 -28.30 14.57
N ALA B 259 0.71 -27.21 14.22
CA ALA B 259 1.74 -27.28 13.18
C ALA B 259 2.89 -28.20 13.59
N GLU B 260 3.32 -28.10 14.85
CA GLU B 260 4.38 -28.96 15.34
C GLU B 260 3.95 -30.43 15.36
N ASP B 261 2.66 -30.68 15.55
CA ASP B 261 2.18 -32.06 15.60
C ASP B 261 1.96 -32.66 14.22
N PHE B 262 1.55 -31.86 13.23
CA PHE B 262 1.15 -32.38 11.94
C PHE B 262 2.13 -32.12 10.81
N LEU B 263 3.19 -31.36 11.06
CA LEU B 263 4.17 -31.05 10.02
C LEU B 263 5.54 -31.61 10.40
N ARG B 264 6.38 -31.77 9.38
CA ARG B 264 7.75 -32.25 9.55
C ARG B 264 8.68 -31.34 8.77
N ASP B 265 9.55 -30.64 9.49
CA ASP B 265 10.51 -29.70 8.90
C ASP B 265 9.81 -28.70 7.98
N TYR B 266 8.90 -27.94 8.59
CA TYR B 266 8.06 -27.02 7.84
C TYR B 266 8.65 -25.62 7.86
N THR B 267 8.34 -24.85 6.82
CA THR B 267 8.72 -23.45 6.70
C THR B 267 7.49 -22.59 6.89
N GLN B 268 7.61 -21.54 7.69
CA GLN B 268 6.51 -20.63 7.97
C GLN B 268 6.71 -19.34 7.20
N ILE B 269 5.67 -18.92 6.46
CA ILE B 269 5.69 -17.66 5.73
C ILE B 269 4.45 -16.87 6.11
N ASN B 270 4.58 -15.55 6.01
CA ASN B 270 3.54 -14.62 6.42
C ASN B 270 3.39 -13.52 5.37
N VAL B 271 2.14 -13.17 5.07
CA VAL B 271 1.83 -12.07 4.17
C VAL B 271 1.00 -11.04 4.95
N GLY B 272 1.46 -9.79 4.93
CA GLY B 272 0.82 -8.75 5.70
C GLY B 272 1.73 -8.19 6.78
N ASN B 273 1.47 -8.59 8.03
CA ASN B 273 2.30 -8.16 9.14
C ASN B 273 2.08 -9.11 10.32
N LEU B 274 3.09 -9.19 11.18
CA LEU B 274 3.03 -10.05 12.36
C LEU B 274 2.36 -9.33 13.53
N ASN B 279 4.48 -10.25 20.47
CA ASN B 279 5.26 -11.37 19.95
C ASN B 279 5.57 -12.38 21.07
N HIS B 280 5.24 -13.64 20.83
CA HIS B 280 5.45 -14.69 21.82
C HIS B 280 6.93 -15.01 22.03
N ASN B 281 7.81 -14.54 21.15
CA ASN B 281 9.23 -14.83 21.24
C ASN B 281 9.97 -13.93 22.23
N ILE B 282 9.27 -13.02 22.91
CA ILE B 282 9.88 -12.06 23.82
C ILE B 282 9.22 -12.20 25.19
N LEU B 283 10.03 -12.48 26.22
CA LEU B 283 9.53 -12.45 27.58
C LEU B 283 9.33 -11.01 28.00
N GLN B 284 8.10 -10.66 28.36
CA GLN B 284 7.74 -9.30 28.73
C GLN B 284 7.31 -9.25 30.18
N ILE B 285 7.45 -8.06 30.78
CA ILE B 285 7.06 -7.85 32.17
C ILE B 285 6.80 -6.36 32.39
N VAL B 286 5.68 -6.05 33.05
CA VAL B 286 5.26 -4.68 33.33
C VAL B 286 5.28 -4.48 34.84
N ASP B 287 5.56 -3.25 35.25
CA ASP B 287 5.66 -2.88 36.66
C ASP B 287 4.78 -1.66 36.92
N VAL B 288 3.76 -1.85 37.75
CA VAL B 288 2.98 -0.73 38.25
C VAL B 288 3.82 0.02 39.27
N CYS B 289 4.15 1.27 38.97
CA CYS B 289 5.19 1.96 39.71
C CYS B 289 4.73 3.30 40.23
N MET B 290 5.26 3.64 41.39
CA MET B 290 5.37 5.03 41.78
C MET B 290 6.16 5.78 40.68
N GLU B 291 6.18 7.11 40.77
CA GLU B 291 6.77 7.92 39.71
C GLU B 291 8.18 8.40 40.01
N SER B 292 8.39 9.06 41.15
CA SER B 292 9.75 9.47 41.48
C SER B 292 10.49 8.45 42.33
N GLU B 293 9.84 7.36 42.75
CA GLU B 293 10.57 6.14 43.03
C GLU B 293 10.95 5.45 41.72
N LYS B 294 10.51 6.01 40.59
CA LYS B 294 10.81 5.51 39.26
C LYS B 294 12.30 5.24 39.07
N ASP B 295 13.12 6.26 39.34
CA ASP B 295 14.56 6.09 39.31
C ASP B 295 15.00 4.96 40.24
N HIS B 296 14.44 4.92 41.45
CA HIS B 296 14.76 3.92 42.46
C HIS B 296 14.50 2.50 41.93
N LYS B 297 13.94 2.41 40.73
CA LYS B 297 13.85 1.14 40.02
C LYS B 297 15.03 0.94 39.09
N LEU B 298 15.15 1.82 38.07
CA LEU B 298 15.97 1.53 36.90
C LEU B 298 17.38 1.11 37.28
N ILE B 299 18.00 1.84 38.20
CA ILE B 299 19.37 1.55 38.63
C ILE B 299 19.55 0.05 38.85
N GLN B 300 18.77 -0.52 39.77
CA GLN B 300 18.98 -1.93 40.05
C GLN B 300 18.32 -2.84 39.03
N LEU B 301 17.32 -2.35 38.29
CA LEU B 301 16.91 -3.08 37.10
C LEU B 301 18.01 -3.11 36.06
N MET B 302 18.93 -2.14 36.11
CA MET B 302 20.15 -2.18 35.32
C MET B 302 21.34 -2.68 36.13
N GLU B 303 21.06 -3.41 37.23
CA GLU B 303 22.03 -4.30 37.84
C GLU B 303 21.80 -5.75 37.40
N GLU B 304 21.28 -5.94 36.17
CA GLU B 304 20.62 -7.21 35.86
C GLU B 304 21.05 -7.84 34.53
N ILE B 305 22.05 -7.31 33.84
CA ILE B 305 22.41 -7.81 32.52
C ILE B 305 23.91 -8.03 32.46
N MET B 306 24.32 -9.07 31.73
CA MET B 306 25.73 -9.35 31.49
C MET B 306 25.92 -10.10 30.16
N LYS B 312 23.09 -5.39 24.35
CA LYS B 312 22.53 -4.09 23.99
C LYS B 312 21.19 -3.86 24.68
N THR B 313 20.95 -2.63 25.09
CA THR B 313 19.77 -2.29 25.87
C THR B 313 19.28 -0.90 25.49
N ILE B 314 17.96 -0.75 25.37
CA ILE B 314 17.35 0.51 24.96
C ILE B 314 16.26 0.88 25.95
N ILE B 315 16.38 2.07 26.54
CA ILE B 315 15.34 2.65 27.39
C ILE B 315 14.58 3.70 26.58
N PHE B 316 13.29 3.83 26.86
CA PHE B 316 12.40 4.71 26.11
C PHE B 316 11.73 5.69 27.05
N VAL B 317 11.72 6.96 26.66
CA VAL B 317 10.95 8.00 27.32
C VAL B 317 10.14 8.75 26.26
N GLU B 318 9.41 9.78 26.69
CA GLU B 318 8.51 10.50 25.81
C GLU B 318 8.96 11.92 25.50
N THR B 319 9.79 12.52 26.33
CA THR B 319 10.19 13.92 26.18
C THR B 319 11.69 14.02 25.94
N LYS B 320 12.16 15.26 25.79
CA LYS B 320 13.53 15.54 25.37
C LYS B 320 14.46 15.79 26.55
N ARG B 321 14.10 16.74 27.43
CA ARG B 321 14.93 17.01 28.59
C ARG B 321 14.81 15.92 29.65
N ARG B 322 13.70 15.17 29.68
CA ARG B 322 13.69 13.93 30.44
C ARG B 322 14.76 12.98 29.94
N CYS B 323 14.88 12.85 28.62
CA CYS B 323 15.95 12.05 28.02
C CYS B 323 17.31 12.52 28.50
N ASP B 324 17.57 13.83 28.42
CA ASP B 324 18.88 14.36 28.79
C ASP B 324 19.18 14.12 30.27
N ASP B 325 18.25 14.51 31.14
CA ASP B 325 18.46 14.38 32.59
C ASP B 325 18.64 12.92 32.99
N LEU B 326 17.75 12.04 32.50
CA LEU B 326 17.89 10.61 32.75
C LEU B 326 19.27 10.12 32.32
N THR B 327 19.70 10.48 31.11
CA THR B 327 20.92 9.93 30.56
C THR B 327 22.14 10.33 31.38
N ARG B 328 22.27 11.61 31.72
CA ARG B 328 23.46 11.88 32.50
C ARG B 328 23.27 11.71 34.00
N ARG B 329 22.08 11.33 34.48
CA ARG B 329 22.03 10.69 35.79
C ARG B 329 22.66 9.31 35.73
N MET B 330 22.25 8.51 34.73
CA MET B 330 22.89 7.22 34.49
C MET B 330 24.39 7.36 34.37
N ARG B 331 24.85 8.43 33.72
CA ARG B 331 26.28 8.70 33.63
C ARG B 331 26.84 9.20 34.96
N ARG B 332 26.02 9.88 35.76
CA ARG B 332 26.47 10.38 37.06
C ARG B 332 26.84 9.24 37.99
N ASP B 333 26.17 8.09 37.89
CA ASP B 333 26.63 6.92 38.62
C ASP B 333 27.32 5.90 37.71
N GLY B 334 27.91 6.35 36.61
CA GLY B 334 28.85 5.56 35.87
C GLY B 334 28.30 4.45 34.99
N TRP B 335 27.24 4.73 34.24
CA TRP B 335 26.75 3.76 33.27
C TRP B 335 27.05 4.24 31.85
N PRO B 336 27.67 3.40 31.02
CA PRO B 336 27.98 3.84 29.65
C PRO B 336 26.74 3.95 28.79
N ALA B 337 26.00 5.05 28.96
CA ALA B 337 24.73 5.27 28.26
C ALA B 337 24.81 6.53 27.41
N MET B 338 24.17 6.48 26.24
CA MET B 338 24.07 7.63 25.36
C MET B 338 22.61 7.80 24.95
N CYS B 339 22.26 8.96 24.39
CA CYS B 339 20.87 9.29 24.18
C CYS B 339 20.64 9.88 22.80
N ILE B 340 19.36 9.93 22.42
CA ILE B 340 18.88 10.51 21.17
C ILE B 340 17.88 11.61 21.48
N HIS B 341 17.87 12.65 20.65
CA HIS B 341 16.88 13.71 20.76
C HIS B 341 16.25 14.01 19.40
N GLN B 346 22.81 17.71 14.86
CA GLN B 346 22.34 16.53 15.56
C GLN B 346 22.14 15.30 14.64
N PRO B 347 21.78 15.51 13.37
CA PRO B 347 21.87 14.39 12.41
C PRO B 347 23.25 13.76 12.33
N GLU B 348 24.30 14.58 12.16
CA GLU B 348 25.65 14.03 12.19
C GLU B 348 26.08 13.72 13.61
N ARG B 349 25.51 14.40 14.61
CA ARG B 349 25.77 14.06 16.00
C ARG B 349 25.26 12.66 16.34
N ASP B 350 24.37 12.10 15.53
CA ASP B 350 23.88 10.74 15.76
C ASP B 350 24.95 9.70 15.43
N TRP B 351 26.18 9.95 15.85
CA TRP B 351 27.20 8.91 15.96
C TRP B 351 26.90 7.94 17.09
N VAL B 352 25.92 8.28 17.93
CA VAL B 352 25.51 7.41 19.03
C VAL B 352 24.99 6.09 18.50
N LEU B 353 24.35 6.10 17.33
CA LEU B 353 23.90 4.85 16.72
C LEU B 353 25.09 4.03 16.23
N ASN B 354 26.10 4.69 15.65
CA ASN B 354 27.32 4.00 15.25
C ASN B 354 27.97 3.33 16.46
N GLU B 355 28.03 4.04 17.59
CA GLU B 355 28.67 3.48 18.78
C GLU B 355 27.81 2.44 19.47
N PHE B 356 26.48 2.53 19.32
CA PHE B 356 25.59 1.51 19.88
C PHE B 356 25.70 0.21 19.09
N ARG B 357 25.73 0.30 17.77
CA ARG B 357 25.99 -0.89 16.96
C ARG B 357 27.40 -1.41 17.17
N SER B 358 28.36 -0.51 17.40
CA SER B 358 29.74 -0.92 17.65
C SER B 358 29.91 -1.65 18.97
N GLY B 359 28.96 -1.49 19.90
CA GLY B 359 29.05 -2.12 21.20
C GLY B 359 29.82 -1.36 22.24
N LYS B 360 30.41 -0.21 21.87
CA LYS B 360 31.15 0.58 22.85
C LYS B 360 30.23 1.21 23.88
N ALA B 361 28.98 1.51 23.50
CA ALA B 361 27.97 2.04 24.41
C ALA B 361 26.70 1.22 24.22
N PRO B 362 26.56 0.11 24.96
CA PRO B 362 25.41 -0.77 24.75
C PRO B 362 24.14 -0.31 25.46
N ILE B 363 24.07 0.97 25.83
CA ILE B 363 22.90 1.53 26.50
C ILE B 363 22.45 2.76 25.71
N LEU B 364 21.28 2.68 25.08
CA LEU B 364 20.72 3.79 24.32
C LEU B 364 19.41 4.22 24.95
N ILE B 365 19.26 5.53 25.17
CA ILE B 365 18.05 6.12 25.74
C ILE B 365 17.48 7.07 24.69
N ALA B 366 16.23 6.85 24.29
CA ALA B 366 15.73 7.59 23.15
C ALA B 366 14.24 7.88 23.29
N THR B 367 13.81 8.91 22.57
CA THR B 367 12.40 9.18 22.30
C THR B 367 12.18 8.83 20.82
N ASP B 368 11.62 7.66 20.58
CA ASP B 368 11.47 7.10 19.23
C ASP B 368 12.83 6.89 18.57
N GLY B 373 11.97 5.02 13.24
CA GLY B 373 12.85 5.07 12.08
C GLY B 373 13.97 4.06 12.14
N LEU B 374 15.16 4.53 12.51
CA LEU B 374 16.32 3.65 12.64
C LEU B 374 16.03 2.54 13.62
N ASP B 375 16.46 1.33 13.29
CA ASP B 375 16.26 0.17 14.14
C ASP B 375 17.51 -0.69 14.11
N VAL B 376 17.97 -1.07 15.30
CA VAL B 376 19.18 -1.87 15.49
C VAL B 376 18.88 -3.32 15.11
N GLU B 377 19.86 -4.21 15.30
CA GLU B 377 19.71 -5.55 14.76
C GLU B 377 19.73 -6.65 15.82
N ASP B 378 20.48 -6.50 16.92
CA ASP B 378 20.48 -7.53 17.96
C ASP B 378 20.42 -6.89 19.34
N VAL B 379 19.46 -5.98 19.53
CA VAL B 379 19.09 -5.57 20.87
C VAL B 379 18.36 -6.71 21.55
N LYS B 380 18.66 -6.94 22.82
CA LYS B 380 18.02 -7.98 23.59
C LYS B 380 17.20 -7.49 24.76
N PHE B 381 17.43 -6.26 25.24
CA PHE B 381 16.75 -5.74 26.42
C PHE B 381 16.16 -4.38 26.14
N VAL B 382 14.86 -4.25 26.40
CA VAL B 382 14.12 -3.01 26.16
C VAL B 382 13.41 -2.64 27.44
N ILE B 383 13.67 -1.43 27.94
CA ILE B 383 13.02 -0.88 29.12
C ILE B 383 12.28 0.38 28.70
N ASN B 384 11.02 0.50 29.11
CA ASN B 384 10.21 1.67 28.80
C ASN B 384 10.04 2.48 30.08
N TYR B 385 10.93 3.46 30.27
CA TYR B 385 10.86 4.35 31.43
C TYR B 385 9.51 5.07 31.48
N ASP B 386 9.11 5.68 30.37
CA ASP B 386 7.83 6.36 30.26
C ASP B 386 6.97 5.61 29.26
N TYR B 387 5.78 5.21 29.68
CA TYR B 387 4.88 4.49 28.80
C TYR B 387 4.38 5.41 27.69
N PRO B 388 4.33 4.93 26.45
CA PRO B 388 3.89 5.79 25.34
C PRO B 388 2.42 6.16 25.44
N ASN B 389 2.02 7.11 24.61
CA ASN B 389 0.67 7.65 24.62
C ASN B 389 -0.35 6.76 23.93
N SER B 390 0.07 5.60 23.40
CA SER B 390 -0.83 4.77 22.62
C SER B 390 -0.48 3.31 22.85
N SER B 391 -1.24 2.42 22.20
CA SER B 391 -1.05 0.98 22.30
C SER B 391 -0.08 0.46 21.25
N GLU B 392 -0.24 0.91 20.00
CA GLU B 392 0.57 0.40 18.90
C GLU B 392 2.04 0.80 19.07
N ASP B 393 2.29 2.01 19.55
CA ASP B 393 3.67 2.44 19.73
C ASP B 393 4.39 1.59 20.77
N TYR B 394 3.69 1.16 21.82
CA TYR B 394 4.27 0.19 22.74
C TYR B 394 4.47 -1.17 22.08
N VAL B 395 3.41 -1.66 21.41
CA VAL B 395 3.42 -3.02 20.91
C VAL B 395 4.51 -3.23 19.89
N HIS B 396 4.95 -2.16 19.21
CA HIS B 396 6.07 -2.34 18.29
C HIS B 396 7.24 -1.41 18.58
N ARG B 397 7.28 -0.81 19.77
CA ARG B 397 8.55 -0.56 20.44
C ARG B 397 9.13 -1.85 20.96
N ILE B 398 8.25 -2.79 21.33
CA ILE B 398 8.69 -4.14 21.68
C ILE B 398 8.61 -5.10 20.49
N GLY B 399 7.87 -4.76 19.44
CA GLY B 399 7.64 -5.66 18.33
C GLY B 399 8.75 -5.72 17.30
N ARG B 400 9.16 -4.56 16.77
CA ARG B 400 10.24 -4.55 15.79
C ARG B 400 11.60 -4.87 16.40
N THR B 401 11.67 -5.03 17.73
CA THR B 401 12.86 -5.62 18.33
C THR B 401 13.04 -7.06 17.89
N ALA B 402 11.95 -7.74 17.57
CA ALA B 402 11.99 -9.12 17.10
C ALA B 402 12.44 -9.17 15.63
N GLY B 408 13.96 -11.96 22.87
CA GLY B 408 14.48 -10.96 23.79
C GLY B 408 13.67 -10.83 25.07
N THR B 409 13.96 -9.78 25.84
CA THR B 409 13.27 -9.51 27.08
C THR B 409 12.86 -8.05 27.14
N ALA B 410 11.63 -7.80 27.56
CA ALA B 410 11.07 -6.45 27.57
C ALA B 410 10.59 -6.10 28.98
N TYR B 411 11.03 -4.96 29.49
CA TYR B 411 10.58 -4.42 30.75
C TYR B 411 9.84 -3.11 30.48
N THR B 412 8.71 -2.92 31.17
CA THR B 412 7.94 -1.69 31.02
C THR B 412 7.49 -1.22 32.38
N PHE B 413 7.40 0.10 32.53
CA PHE B 413 6.92 0.74 33.74
C PHE B 413 5.68 1.54 33.45
N PHE B 414 4.75 1.56 34.41
CA PHE B 414 3.54 2.34 34.21
C PHE B 414 3.07 2.93 35.54
N THR B 415 2.29 4.01 35.42
CA THR B 415 1.70 4.81 36.49
C THR B 415 0.23 4.46 36.63
N PRO B 416 -0.27 4.21 37.85
CA PRO B 416 -1.66 3.76 38.02
C PRO B 416 -2.70 4.83 37.74
N GLY B 417 -2.44 5.73 36.80
CA GLY B 417 -3.39 6.75 36.41
C GLY B 417 -4.02 6.56 35.05
N ASN B 418 -3.19 6.43 33.99
CA ASN B 418 -3.68 6.37 32.61
C ASN B 418 -4.06 4.94 32.23
N LEU B 419 -5.10 4.43 32.88
CA LEU B 419 -5.48 3.04 32.69
C LEU B 419 -6.64 2.84 31.71
N LYS B 420 -7.24 3.94 31.21
CA LYS B 420 -8.22 3.83 30.14
C LYS B 420 -7.65 3.25 28.86
N GLN B 421 -6.32 3.12 28.76
CA GLN B 421 -5.72 2.17 27.84
C GLN B 421 -4.43 1.56 28.39
N ALA B 422 -4.31 1.42 29.71
CA ALA B 422 -3.65 0.24 30.22
C ALA B 422 -4.57 -0.96 30.08
N ARG B 423 -5.88 -0.72 29.95
CA ARG B 423 -6.82 -1.77 29.55
C ARG B 423 -6.32 -2.58 28.36
N GLU B 424 -5.47 -2.01 27.52
CA GLU B 424 -4.90 -2.72 26.38
C GLU B 424 -3.53 -3.34 26.67
N LEU B 425 -2.82 -2.86 27.70
CA LEU B 425 -1.62 -3.54 28.16
C LEU B 425 -1.94 -4.99 28.53
N ILE B 426 -3.01 -5.17 29.32
CA ILE B 426 -3.45 -6.50 29.73
C ILE B 426 -3.73 -7.37 28.52
N LYS B 427 -4.44 -6.82 27.53
CA LYS B 427 -4.84 -7.63 26.38
C LYS B 427 -3.66 -7.93 25.45
N VAL B 428 -2.68 -7.04 25.36
CA VAL B 428 -1.54 -7.30 24.49
C VAL B 428 -0.63 -8.36 25.12
N LEU B 429 -0.40 -8.27 26.43
CA LEU B 429 0.32 -9.36 27.08
C LEU B 429 -0.51 -10.64 27.11
N GLU B 430 -1.84 -10.51 27.04
CA GLU B 430 -2.71 -11.67 26.95
C GLU B 430 -2.53 -12.39 25.63
N GLU B 431 -2.48 -11.63 24.53
CA GLU B 431 -2.27 -12.20 23.20
C GLU B 431 -0.81 -12.56 22.94
N ALA B 432 0.12 -12.11 23.78
CA ALA B 432 1.52 -12.46 23.64
C ALA B 432 1.87 -13.78 24.34
N ASN B 433 0.87 -14.50 24.86
CA ASN B 433 1.05 -15.82 25.46
C ASN B 433 1.99 -15.76 26.67
N GLN B 434 1.75 -14.77 27.54
CA GLN B 434 2.51 -14.62 28.77
C GLN B 434 1.58 -14.13 29.88
N ALA B 435 2.07 -14.24 31.11
CA ALA B 435 1.26 -13.96 32.30
C ALA B 435 1.30 -12.48 32.67
N ILE B 436 0.26 -12.05 33.37
CA ILE B 436 0.10 -10.67 33.82
C ILE B 436 0.48 -10.59 35.30
N ASN B 437 1.03 -9.45 35.70
CA ASN B 437 1.31 -9.21 37.10
C ASN B 437 0.02 -8.76 37.81
N PRO B 438 -0.36 -9.40 38.92
CA PRO B 438 -1.66 -9.09 39.55
C PRO B 438 -1.81 -7.64 39.97
N LYS B 439 -0.72 -6.88 40.09
CA LYS B 439 -0.83 -5.47 40.44
C LYS B 439 -0.88 -4.61 39.19
#